data_3DYF
#
_entry.id   3DYF
#
_cell.length_a   133.939
_cell.length_b   117.898
_cell.length_c   63.274
_cell.angle_alpha   90.00
_cell.angle_beta   111.27
_cell.angle_gamma   90.00
#
_symmetry.space_group_name_H-M   'C 1 2 1'
#
loop_
_entity.id
_entity.type
_entity.pdbx_description
1 polymer 'FARNESYL PYROPHOSPHATE SYNTHASE'
2 non-polymer 'MAGNESIUM ION'
3 non-polymer 'ACETATE ION'
4 non-polymer 3-FLUORO-1-(2-HYDROXY-2,2-DIPHOSPHONOETHYL)PYRIDINIUM
5 non-polymer 'ISOPENTYL PYROPHOSPHATE'
6 non-polymer (4S)-2-METHYL-2,4-PENTANEDIOL
7 non-polymer BETA-MERCAPTOETHANOL
8 water water
#
_entity_poly.entity_id   1
_entity_poly.type   'polypeptide(L)'
_entity_poly.pdbx_seq_one_letter_code
;MGSSHHHHHHSSGLVPRGSHMASMPMQMFMQVYDEIQMFLLEELELKFDMDPNRVRYLRKMMDTTCLGGKYNRGLTVIDV
AESLLSLSPNNNGEEDDGARRKRVLHDACVCGWMIEFLQAHYLVEDDIMDNSVTRRGKPCWYRHPDVTVQCAINDGLLLK
SWTHMMAMHFFADRPFLQDLLCRFNRVDYTTAVGQLYDVTSMFDSNKLDPDVSQPTTTDFAEFTLSNYKRIVKYKTAYYT
YLLPLVMGLIVSEALPTVDMGVTEELAMLMGEYFQVQDDVMDCFTPPERLGKVGTDIQDAKCSWLAVTFLAKASSAQVAE
FKANYGSGDSEKVATVRRLYEEADLQGDYVAYEAAVAEQVKELIEKLRLCSPGFAASVETLWGKTYKRQK
;
_entity_poly.pdbx_strand_id   A,B
#
loop_
_chem_comp.id
_chem_comp.type
_chem_comp.name
_chem_comp.formula
ACT non-polymer 'ACETATE ION' 'C2 H3 O2 -1'
BME non-polymer BETA-MERCAPTOETHANOL 'C2 H6 O S'
IPR non-polymer 'ISOPENTYL PYROPHOSPHATE' 'C5 H14 O7 P2'
MG non-polymer 'MAGNESIUM ION' 'Mg 2'
MPD non-polymer (4S)-2-METHYL-2,4-PENTANEDIOL 'C6 H14 O2'
NI9 non-polymer 3-FLUORO-1-(2-HYDROXY-2,2-DIPHOSPHONOETHYL)PYRIDINIUM 'C7 H11 F N O7 P2 1'
#
# COMPACT_ATOMS: atom_id res chain seq x y z
N MET A 24 -19.82 -20.43 18.16
CA MET A 24 -19.89 -20.91 16.75
C MET A 24 -19.44 -19.86 15.73
N PRO A 25 -19.73 -18.56 15.99
CA PRO A 25 -19.31 -17.53 15.01
C PRO A 25 -17.84 -17.63 14.64
N MET A 26 -17.00 -17.93 15.62
CA MET A 26 -15.57 -18.06 15.39
C MET A 26 -15.27 -19.15 14.36
N GLN A 27 -16.03 -20.25 14.42
CA GLN A 27 -15.81 -21.35 13.50
C GLN A 27 -16.43 -21.10 12.12
N MET A 28 -17.52 -20.33 12.08
CA MET A 28 -18.15 -20.03 10.80
C MET A 28 -17.33 -18.92 10.13
N PHE A 29 -16.58 -18.20 10.94
CA PHE A 29 -15.72 -17.13 10.44
C PHE A 29 -14.48 -17.77 9.82
N MET A 30 -13.87 -18.70 10.55
CA MET A 30 -12.68 -19.40 10.08
C MET A 30 -13.02 -20.22 8.85
N GLN A 31 -14.28 -20.61 8.77
CA GLN A 31 -14.75 -21.41 7.65
C GLN A 31 -14.69 -20.58 6.37
N VAL A 32 -15.11 -19.32 6.46
CA VAL A 32 -15.10 -18.44 5.30
C VAL A 32 -13.67 -18.04 4.94
N TYR A 33 -12.77 -18.08 5.92
CA TYR A 33 -11.37 -17.75 5.70
C TYR A 33 -10.77 -18.75 4.71
N ASP A 34 -11.03 -20.04 4.93
CA ASP A 34 -10.53 -21.09 4.05
C ASP A 34 -11.11 -20.84 2.67
N GLU A 35 -12.38 -20.51 2.65
CA GLU A 35 -13.12 -20.21 1.45
C GLU A 35 -12.43 -19.10 0.65
N ILE A 36 -12.05 -18.05 1.36
CA ILE A 36 -11.38 -16.91 0.75
C ILE A 36 -9.96 -17.25 0.32
N GLN A 37 -9.22 -17.91 1.19
CA GLN A 37 -7.85 -18.27 0.88
C GLN A 37 -7.77 -19.13 -0.38
N MET A 38 -8.74 -20.04 -0.51
CA MET A 38 -8.80 -20.93 -1.65
C MET A 38 -8.96 -20.12 -2.94
N PHE A 39 -9.92 -19.20 -2.93
CA PHE A 39 -10.17 -18.36 -4.11
C PHE A 39 -8.94 -17.57 -4.54
N LEU A 40 -8.41 -16.78 -3.63
CA LEU A 40 -7.23 -15.95 -3.93
C LEU A 40 -6.07 -16.79 -4.44
N LEU A 41 -5.68 -17.78 -3.65
CA LEU A 41 -4.55 -18.64 -4.01
C LEU A 41 -4.72 -19.37 -5.32
N GLU A 42 -5.91 -19.87 -5.59
CA GLU A 42 -6.11 -20.59 -6.83
C GLU A 42 -6.22 -19.61 -7.99
N GLU A 43 -6.69 -18.41 -7.72
CA GLU A 43 -6.80 -17.39 -8.76
C GLU A 43 -5.41 -17.00 -9.21
N LEU A 44 -4.48 -17.00 -8.26
CA LEU A 44 -3.09 -16.66 -8.55
C LEU A 44 -2.43 -17.70 -9.43
N GLU A 45 -2.74 -18.97 -9.17
CA GLU A 45 -2.18 -20.08 -9.93
C GLU A 45 -2.80 -20.19 -11.31
N LEU A 46 -4.06 -19.81 -11.42
CA LEU A 46 -4.78 -19.90 -12.68
C LEU A 46 -4.72 -18.67 -13.58
N LYS A 47 -4.63 -17.47 -13.00
CA LYS A 47 -4.61 -16.27 -13.83
C LYS A 47 -3.39 -15.37 -13.71
N PHE A 48 -2.42 -15.77 -12.88
CA PHE A 48 -1.20 -14.99 -12.70
C PHE A 48 -0.05 -15.96 -12.83
N ASP A 49 -0.41 -17.17 -13.26
CA ASP A 49 0.52 -18.29 -13.43
C ASP A 49 1.65 -18.25 -12.41
N MET A 50 1.25 -18.46 -11.16
CA MET A 50 2.15 -18.47 -10.04
C MET A 50 2.56 -19.91 -9.78
N ASP A 51 3.77 -20.09 -9.26
CA ASP A 51 4.30 -21.42 -8.97
C ASP A 51 3.91 -21.89 -7.56
N PRO A 52 3.80 -23.21 -7.37
CA PRO A 52 3.44 -23.80 -6.08
C PRO A 52 4.31 -23.26 -4.94
N ASN A 53 5.59 -23.04 -5.21
CA ASN A 53 6.50 -22.52 -4.21
C ASN A 53 5.97 -21.20 -3.68
N ARG A 54 5.71 -20.26 -4.58
CA ARG A 54 5.22 -18.95 -4.18
C ARG A 54 3.77 -18.97 -3.72
N VAL A 55 3.02 -19.99 -4.13
CA VAL A 55 1.63 -20.08 -3.67
C VAL A 55 1.70 -20.47 -2.20
N ARG A 56 2.62 -21.37 -1.90
CA ARG A 56 2.87 -21.86 -0.55
C ARG A 56 3.30 -20.69 0.34
N TYR A 57 4.16 -19.83 -0.21
CA TYR A 57 4.66 -18.68 0.50
C TYR A 57 3.52 -17.76 0.93
N LEU A 58 2.68 -17.39 -0.04
CA LEU A 58 1.55 -16.51 0.21
C LEU A 58 0.52 -17.10 1.15
N ARG A 59 0.38 -18.42 1.13
CA ARG A 59 -0.56 -19.08 2.02
C ARG A 59 -0.01 -18.91 3.42
N LYS A 60 1.29 -19.10 3.54
CA LYS A 60 1.97 -18.97 4.81
C LYS A 60 1.90 -17.52 5.25
N MET A 61 2.22 -16.62 4.32
CA MET A 61 2.19 -15.20 4.60
C MET A 61 0.82 -14.83 5.11
N MET A 62 -0.21 -15.25 4.38
CA MET A 62 -1.60 -14.98 4.75
C MET A 62 -1.92 -15.43 6.18
N ASP A 63 -1.77 -16.72 6.45
CA ASP A 63 -2.06 -17.28 7.77
C ASP A 63 -1.32 -16.59 8.91
N THR A 64 -0.06 -16.25 8.68
CA THR A 64 0.77 -15.61 9.70
C THR A 64 0.41 -14.16 9.95
N THR A 65 0.08 -13.42 8.89
CA THR A 65 -0.26 -12.01 9.04
C THR A 65 -1.73 -11.76 9.37
N CYS A 66 -2.61 -12.66 8.93
CA CYS A 66 -4.04 -12.48 9.19
C CYS A 66 -4.61 -13.21 10.41
N LEU A 67 -3.95 -14.27 10.84
CA LEU A 67 -4.45 -15.03 11.98
C LEU A 67 -3.64 -14.78 13.25
N GLY A 68 -4.20 -15.17 14.38
CA GLY A 68 -3.49 -15.01 15.65
C GLY A 68 -3.87 -13.78 16.44
N GLY A 69 -4.67 -12.90 15.85
CA GLY A 69 -5.09 -11.70 16.56
C GLY A 69 -6.29 -12.04 17.42
N LYS A 70 -6.96 -11.00 17.94
CA LYS A 70 -8.13 -11.22 18.77
C LYS A 70 -9.41 -11.26 17.94
N TYR A 71 -9.29 -10.93 16.66
CA TYR A 71 -10.43 -10.96 15.74
C TYR A 71 -11.60 -10.09 16.15
N ASN A 72 -11.34 -9.12 17.02
CA ASN A 72 -12.40 -8.23 17.48
C ASN A 72 -13.12 -7.54 16.33
N ARG A 73 -12.33 -6.95 15.43
CA ARG A 73 -12.89 -6.25 14.28
C ARG A 73 -13.80 -7.15 13.44
N GLY A 74 -13.30 -8.32 13.07
CA GLY A 74 -14.08 -9.24 12.27
C GLY A 74 -15.30 -9.81 12.98
N LEU A 75 -15.11 -10.24 14.22
CA LEU A 75 -16.20 -10.82 14.99
C LEU A 75 -17.29 -9.80 15.28
N THR A 76 -16.89 -8.53 15.36
CA THR A 76 -17.82 -7.44 15.62
C THR A 76 -18.81 -7.34 14.45
N VAL A 77 -18.28 -7.40 13.23
CA VAL A 77 -19.10 -7.33 12.03
C VAL A 77 -20.21 -8.38 12.10
N ILE A 78 -19.81 -9.63 12.31
CA ILE A 78 -20.76 -10.72 12.40
C ILE A 78 -21.81 -10.47 13.47
N ASP A 79 -21.39 -10.00 14.63
CA ASP A 79 -22.32 -9.73 15.72
C ASP A 79 -23.36 -8.69 15.33
N VAL A 80 -22.90 -7.57 14.76
CA VAL A 80 -23.82 -6.51 14.34
C VAL A 80 -24.86 -7.10 13.39
N ALA A 81 -24.37 -7.80 12.38
CA ALA A 81 -25.24 -8.42 11.40
C ALA A 81 -26.27 -9.28 12.11
N GLU A 82 -25.80 -10.32 12.79
CA GLU A 82 -26.68 -11.24 13.52
C GLU A 82 -27.70 -10.49 14.37
N SER A 83 -27.21 -9.65 15.27
CA SER A 83 -28.08 -8.88 16.16
C SER A 83 -29.23 -8.18 15.42
N LEU A 84 -28.91 -7.48 14.35
CA LEU A 84 -29.93 -6.77 13.58
C LEU A 84 -30.72 -7.65 12.63
N LEU A 85 -30.75 -8.95 12.88
CA LEU A 85 -31.49 -9.84 12.01
C LEU A 85 -33.01 -9.69 12.19
N SER A 86 -33.61 -8.96 11.26
CA SER A 86 -35.06 -8.71 11.27
C SER A 86 -35.46 -7.87 10.06
N ASP A 97 -36.62 -14.43 6.72
CA ASP A 97 -36.41 -15.69 6.01
C ASP A 97 -35.21 -16.47 6.55
N GLY A 98 -35.04 -17.69 6.06
CA GLY A 98 -33.93 -18.53 6.50
C GLY A 98 -32.72 -18.46 5.58
N ALA A 99 -32.96 -18.17 4.32
CA ALA A 99 -31.87 -18.08 3.34
C ALA A 99 -31.19 -16.74 3.49
N ARG A 100 -31.93 -15.75 3.97
CA ARG A 100 -31.40 -14.42 4.14
C ARG A 100 -30.38 -14.44 5.29
N ARG A 101 -30.84 -14.84 6.46
CA ARG A 101 -29.96 -14.92 7.62
C ARG A 101 -28.65 -15.53 7.20
N LYS A 102 -28.74 -16.60 6.42
CA LYS A 102 -27.55 -17.29 5.93
C LYS A 102 -26.69 -16.33 5.13
N ARG A 103 -27.23 -15.82 4.01
CA ARG A 103 -26.49 -14.91 3.15
C ARG A 103 -25.84 -13.77 3.95
N VAL A 104 -26.66 -13.10 4.75
CA VAL A 104 -26.20 -11.98 5.55
C VAL A 104 -24.98 -12.34 6.41
N LEU A 105 -25.10 -13.43 7.17
CA LEU A 105 -24.00 -13.88 8.02
C LEU A 105 -22.76 -14.14 7.18
N HIS A 106 -22.95 -14.60 5.96
CA HIS A 106 -21.81 -14.86 5.10
C HIS A 106 -21.18 -13.54 4.70
N ASP A 107 -22.00 -12.61 4.20
CA ASP A 107 -21.52 -11.30 3.78
C ASP A 107 -20.75 -10.65 4.92
N ALA A 108 -21.22 -10.87 6.14
CA ALA A 108 -20.57 -10.32 7.31
C ALA A 108 -19.15 -10.90 7.43
N CYS A 109 -19.04 -12.21 7.26
CA CYS A 109 -17.75 -12.88 7.34
C CYS A 109 -16.75 -12.31 6.34
N VAL A 110 -17.23 -12.06 5.12
CA VAL A 110 -16.35 -11.50 4.09
C VAL A 110 -15.86 -10.12 4.50
N CYS A 111 -16.76 -9.31 5.02
CA CYS A 111 -16.40 -7.96 5.46
C CYS A 111 -15.41 -8.02 6.61
N GLY A 112 -15.68 -8.94 7.54
CA GLY A 112 -14.81 -9.09 8.68
C GLY A 112 -13.38 -9.35 8.26
N TRP A 113 -13.20 -10.28 7.33
CA TRP A 113 -11.87 -10.61 6.83
C TRP A 113 -11.28 -9.42 6.06
N MET A 114 -12.15 -8.63 5.44
CA MET A 114 -11.67 -7.44 4.73
C MET A 114 -10.96 -6.53 5.73
N ILE A 115 -11.59 -6.34 6.89
CA ILE A 115 -11.02 -5.50 7.94
C ILE A 115 -9.81 -6.20 8.53
N GLU A 116 -9.91 -7.52 8.74
CA GLU A 116 -8.81 -8.30 9.29
C GLU A 116 -7.61 -8.27 8.35
N PHE A 117 -7.89 -8.40 7.06
CA PHE A 117 -6.81 -8.35 6.07
C PHE A 117 -6.27 -6.93 6.02
N LEU A 118 -7.12 -5.97 6.38
CA LEU A 118 -6.72 -4.56 6.38
C LEU A 118 -5.77 -4.24 7.53
N GLN A 119 -6.05 -4.81 8.71
CA GLN A 119 -5.18 -4.57 9.84
C GLN A 119 -3.89 -5.33 9.61
N ALA A 120 -4.00 -6.46 8.93
CA ALA A 120 -2.85 -7.28 8.61
C ALA A 120 -1.89 -6.47 7.77
N HIS A 121 -2.43 -5.80 6.75
CA HIS A 121 -1.62 -4.97 5.87
C HIS A 121 -0.92 -3.87 6.65
N TYR A 122 -1.64 -3.28 7.60
CA TYR A 122 -1.08 -2.20 8.40
C TYR A 122 -0.10 -2.64 9.50
N LEU A 123 -0.27 -3.84 10.04
CA LEU A 123 0.63 -4.30 11.08
C LEU A 123 1.97 -4.65 10.45
N VAL A 124 1.94 -5.28 9.28
CA VAL A 124 3.16 -5.64 8.59
C VAL A 124 4.02 -4.39 8.39
N GLU A 125 3.45 -3.41 7.70
CA GLU A 125 4.16 -2.17 7.42
C GLU A 125 4.54 -1.39 8.69
N ASP A 126 3.63 -1.39 9.66
CA ASP A 126 3.84 -0.70 10.94
C ASP A 126 5.02 -1.27 11.72
N ASP A 127 5.15 -2.59 11.72
CA ASP A 127 6.26 -3.19 12.45
C ASP A 127 7.57 -2.83 11.78
N ILE A 128 7.52 -2.59 10.48
CA ILE A 128 8.72 -2.21 9.75
C ILE A 128 8.99 -0.75 10.08
N MET A 129 7.91 0.02 10.11
CA MET A 129 8.00 1.44 10.42
C MET A 129 8.39 1.69 11.88
N ASP A 130 7.98 0.78 12.76
CA ASP A 130 8.26 0.91 14.19
C ASP A 130 9.49 0.13 14.66
N ASN A 131 10.05 -0.67 13.75
CA ASN A 131 11.23 -1.46 14.08
C ASN A 131 10.92 -2.45 15.22
N SER A 132 9.68 -2.91 15.27
CA SER A 132 9.24 -3.85 16.30
C SER A 132 9.90 -5.22 16.16
N VAL A 133 9.83 -6.02 17.23
CA VAL A 133 10.47 -7.33 17.23
C VAL A 133 9.53 -8.52 17.06
N THR A 134 8.44 -8.55 17.83
CA THR A 134 7.49 -9.66 17.73
C THR A 134 6.05 -9.16 17.53
N ARG A 135 5.20 -10.04 17.02
CA ARG A 135 3.80 -9.73 16.77
C ARG A 135 2.96 -10.97 17.01
N ARG A 136 1.98 -10.86 17.90
CA ARG A 136 1.12 -12.00 18.21
C ARG A 136 1.92 -13.22 18.64
N GLY A 137 2.82 -13.01 19.59
CA GLY A 137 3.66 -14.06 20.11
C GLY A 137 4.49 -14.74 19.05
N LYS A 138 4.96 -13.96 18.09
CA LYS A 138 5.74 -14.49 17.00
C LYS A 138 6.58 -13.37 16.42
N PRO A 139 7.65 -13.71 15.68
CA PRO A 139 8.48 -12.64 15.12
C PRO A 139 7.69 -11.84 14.11
N CYS A 140 7.89 -10.52 14.10
CA CYS A 140 7.20 -9.65 13.17
C CYS A 140 7.50 -10.21 11.78
N TRP A 141 6.50 -10.21 10.91
CA TRP A 141 6.68 -10.74 9.56
C TRP A 141 8.04 -10.42 8.93
N TYR A 142 8.39 -9.14 8.87
CA TYR A 142 9.65 -8.78 8.24
C TYR A 142 10.85 -9.33 9.00
N ARG A 143 10.58 -10.06 10.07
CA ARG A 143 11.65 -10.65 10.89
C ARG A 143 11.87 -12.12 10.59
N HIS A 144 10.87 -12.79 10.04
CA HIS A 144 11.03 -14.21 9.73
C HIS A 144 12.22 -14.40 8.80
N PRO A 145 13.06 -15.41 9.09
CA PRO A 145 14.26 -15.73 8.31
C PRO A 145 14.16 -15.64 6.79
N ASP A 146 13.28 -16.43 6.18
CA ASP A 146 13.16 -16.41 4.73
C ASP A 146 12.44 -15.20 4.17
N VAL A 147 12.08 -14.27 5.04
CA VAL A 147 11.41 -13.05 4.60
C VAL A 147 12.38 -11.88 4.71
N THR A 148 12.55 -11.15 3.60
CA THR A 148 13.42 -9.98 3.57
C THR A 148 12.56 -8.74 3.76
N VAL A 149 13.18 -7.61 4.07
CA VAL A 149 12.43 -6.38 4.27
C VAL A 149 11.78 -5.91 2.98
N GLN A 150 12.53 -5.93 1.89
CA GLN A 150 12.01 -5.51 0.61
C GLN A 150 10.77 -6.32 0.25
N CYS A 151 10.79 -7.61 0.52
CA CYS A 151 9.65 -8.46 0.20
C CYS A 151 8.47 -8.27 1.16
N ALA A 152 8.76 -7.99 2.43
CA ALA A 152 7.71 -7.79 3.42
C ALA A 152 6.90 -6.55 3.07
N ILE A 153 7.58 -5.53 2.55
CA ILE A 153 6.92 -4.29 2.16
C ILE A 153 5.85 -4.59 1.10
N ASN A 154 6.21 -5.44 0.15
CA ASN A 154 5.29 -5.82 -0.91
C ASN A 154 4.28 -6.84 -0.42
N ASP A 155 4.71 -7.76 0.44
CA ASP A 155 3.77 -8.73 0.98
C ASP A 155 2.65 -7.93 1.63
N GLY A 156 3.01 -6.79 2.22
CA GLY A 156 2.03 -5.94 2.84
C GLY A 156 1.10 -5.39 1.79
N LEU A 157 1.67 -4.96 0.67
CA LEU A 157 0.89 -4.41 -0.43
C LEU A 157 -0.12 -5.44 -0.93
N LEU A 158 0.31 -6.69 -1.03
CA LEU A 158 -0.57 -7.77 -1.49
C LEU A 158 -1.78 -7.92 -0.57
N LEU A 159 -1.55 -7.77 0.73
CA LEU A 159 -2.62 -7.89 1.71
C LEU A 159 -3.74 -6.89 1.41
N LYS A 160 -3.36 -5.66 1.14
CA LYS A 160 -4.31 -4.60 0.85
C LYS A 160 -5.09 -4.85 -0.44
N SER A 161 -4.46 -5.47 -1.44
CA SER A 161 -5.17 -5.74 -2.67
C SER A 161 -6.16 -6.87 -2.44
N TRP A 162 -5.80 -7.82 -1.59
CA TRP A 162 -6.69 -8.94 -1.30
C TRP A 162 -8.00 -8.47 -0.70
N THR A 163 -7.98 -7.36 0.02
CA THR A 163 -9.22 -6.86 0.61
C THR A 163 -10.19 -6.53 -0.51
N HIS A 164 -9.69 -5.99 -1.61
CA HIS A 164 -10.54 -5.66 -2.74
C HIS A 164 -10.89 -6.90 -3.52
N MET A 165 -9.88 -7.68 -3.88
CA MET A 165 -10.10 -8.89 -4.64
C MET A 165 -11.18 -9.77 -4.04
N MET A 166 -11.28 -9.78 -2.71
CA MET A 166 -12.28 -10.60 -2.06
C MET A 166 -13.65 -9.96 -2.05
N ALA A 167 -13.67 -8.63 -1.91
CA ALA A 167 -14.93 -7.90 -1.90
C ALA A 167 -15.60 -7.97 -3.27
N MET A 168 -14.80 -7.79 -4.31
CA MET A 168 -15.29 -7.80 -5.68
C MET A 168 -15.85 -9.15 -6.09
N HIS A 169 -15.10 -10.20 -5.79
CA HIS A 169 -15.49 -11.56 -6.12
C HIS A 169 -16.74 -12.02 -5.37
N PHE A 170 -16.85 -11.64 -4.11
CA PHE A 170 -17.98 -12.05 -3.30
C PHE A 170 -19.19 -11.13 -3.30
N PHE A 171 -18.97 -9.85 -3.60
CA PHE A 171 -20.07 -8.91 -3.60
C PHE A 171 -20.38 -8.36 -4.97
N ALA A 172 -19.85 -9.01 -6.00
CA ALA A 172 -20.06 -8.57 -7.38
C ALA A 172 -21.51 -8.20 -7.64
N ASP A 173 -22.43 -9.03 -7.14
CA ASP A 173 -23.85 -8.81 -7.34
C ASP A 173 -24.52 -7.90 -6.30
N ARG A 174 -23.94 -7.84 -5.11
CA ARG A 174 -24.53 -7.02 -4.06
C ARG A 174 -24.56 -5.54 -4.45
N PRO A 175 -25.76 -4.94 -4.44
CA PRO A 175 -25.94 -3.53 -4.79
C PRO A 175 -25.21 -2.57 -3.85
N PHE A 176 -24.96 -3.02 -2.62
CA PHE A 176 -24.25 -2.18 -1.65
C PHE A 176 -22.74 -2.20 -1.88
N LEU A 177 -22.31 -2.87 -2.94
CA LEU A 177 -20.89 -2.97 -3.24
C LEU A 177 -20.14 -1.66 -3.35
N GLN A 178 -20.64 -0.74 -4.18
CA GLN A 178 -19.95 0.53 -4.35
C GLN A 178 -19.82 1.29 -3.03
N ASP A 179 -20.97 1.59 -2.41
CA ASP A 179 -20.98 2.32 -1.15
C ASP A 179 -20.05 1.71 -0.11
N LEU A 180 -20.05 0.38 -0.07
CA LEU A 180 -19.23 -0.40 0.84
C LEU A 180 -17.74 -0.13 0.63
N LEU A 181 -17.31 -0.21 -0.63
CA LEU A 181 -15.91 0.02 -0.98
C LEU A 181 -15.54 1.47 -0.75
N CYS A 182 -16.46 2.37 -1.10
CA CYS A 182 -16.20 3.78 -0.92
C CYS A 182 -15.83 4.06 0.54
N ARG A 183 -16.68 3.60 1.46
CA ARG A 183 -16.46 3.80 2.88
C ARG A 183 -15.15 3.16 3.32
N PHE A 184 -14.92 1.93 2.83
CA PHE A 184 -13.72 1.16 3.15
C PHE A 184 -12.45 1.94 2.83
N ASN A 185 -12.37 2.47 1.61
CA ASN A 185 -11.21 3.24 1.18
C ASN A 185 -11.06 4.50 1.99
N ARG A 186 -12.18 5.08 2.39
CA ARG A 186 -12.15 6.29 3.19
C ARG A 186 -11.44 5.98 4.49
N VAL A 187 -11.92 4.96 5.21
CA VAL A 187 -11.33 4.57 6.47
C VAL A 187 -9.88 4.20 6.30
N ASP A 188 -9.58 3.45 5.24
CA ASP A 188 -8.22 3.04 4.96
C ASP A 188 -7.36 4.28 4.82
N TYR A 189 -7.82 5.22 4.00
CA TYR A 189 -7.11 6.46 3.78
C TYR A 189 -6.89 7.25 5.06
N THR A 190 -7.87 7.27 5.96
CA THR A 190 -7.72 8.02 7.20
C THR A 190 -6.67 7.39 8.11
N THR A 191 -6.60 6.07 8.10
CA THR A 191 -5.64 5.35 8.91
C THR A 191 -4.22 5.69 8.44
N ALA A 192 -4.03 5.74 7.12
CA ALA A 192 -2.72 6.06 6.57
C ALA A 192 -2.35 7.50 6.92
N VAL A 193 -3.37 8.30 7.24
CA VAL A 193 -3.15 9.68 7.62
C VAL A 193 -2.77 9.77 9.09
N GLY A 194 -3.38 8.92 9.90
CA GLY A 194 -3.07 8.90 11.32
C GLY A 194 -1.65 8.42 11.46
N GLN A 195 -1.27 7.45 10.65
CA GLN A 195 0.07 6.89 10.68
C GLN A 195 1.08 7.99 10.41
N LEU A 196 0.73 8.89 9.50
CA LEU A 196 1.61 10.01 9.19
C LEU A 196 1.79 10.84 10.45
N TYR A 197 0.69 11.05 11.17
CA TYR A 197 0.73 11.83 12.40
C TYR A 197 1.61 11.13 13.43
N ASP A 198 1.46 9.83 13.51
CA ASP A 198 2.20 9.00 14.44
C ASP A 198 3.71 9.07 14.19
N VAL A 199 4.10 8.68 13.00
CA VAL A 199 5.49 8.61 12.62
C VAL A 199 6.18 9.96 12.45
N THR A 200 5.51 11.05 12.84
CA THR A 200 6.10 12.37 12.70
C THR A 200 5.86 13.22 13.94
N SER A 201 5.25 12.61 14.95
CA SER A 201 4.97 13.32 16.20
C SER A 201 6.25 13.68 16.95
N MET A 202 7.34 12.96 16.67
CA MET A 202 8.60 13.22 17.35
C MET A 202 9.49 14.21 16.59
N PHE A 203 8.91 14.87 15.60
CA PHE A 203 9.63 15.85 14.78
C PHE A 203 8.91 17.19 14.77
N ASP A 204 9.60 18.24 15.22
CA ASP A 204 9.03 19.59 15.23
C ASP A 204 8.52 19.91 13.83
N SER A 205 7.21 19.90 13.65
CA SER A 205 6.60 20.14 12.35
C SER A 205 6.96 21.48 11.70
N ASN A 206 7.33 22.46 12.52
CA ASN A 206 7.72 23.75 11.99
C ASN A 206 8.92 23.60 11.07
N LYS A 207 9.84 22.73 11.47
CA LYS A 207 11.06 22.47 10.69
C LYS A 207 10.88 21.35 9.67
N LEU A 208 9.80 20.58 9.82
CA LEU A 208 9.52 19.46 8.93
C LEU A 208 9.66 19.85 7.46
N ASP A 209 10.85 19.62 6.89
CA ASP A 209 11.11 19.95 5.50
C ASP A 209 11.87 18.84 4.81
N PRO A 210 11.18 18.03 3.99
CA PRO A 210 11.79 16.91 3.26
C PRO A 210 13.17 17.16 2.68
N ASP A 211 13.46 18.40 2.33
CA ASP A 211 14.76 18.73 1.77
C ASP A 211 15.84 18.95 2.81
N VAL A 212 15.44 19.24 4.04
CA VAL A 212 16.38 19.48 5.12
C VAL A 212 16.24 18.47 6.25
N SER A 213 17.37 17.91 6.69
CA SER A 213 17.40 16.93 7.77
C SER A 213 17.13 17.60 9.14
N GLN A 214 16.47 16.87 10.03
CA GLN A 214 16.17 17.38 11.38
C GLN A 214 16.18 16.26 12.41
N PRO A 215 16.66 16.58 13.64
CA PRO A 215 16.73 15.61 14.75
C PRO A 215 15.42 15.56 15.53
N THR A 216 15.24 14.51 16.31
CA THR A 216 14.05 14.35 17.12
C THR A 216 13.82 15.61 17.92
N THR A 217 12.56 15.97 18.14
CA THR A 217 12.25 17.16 18.91
C THR A 217 13.00 17.12 20.23
N THR A 218 13.43 18.30 20.69
CA THR A 218 14.17 18.40 21.95
C THR A 218 13.27 18.97 23.06
N ASP A 219 12.31 19.81 22.67
CA ASP A 219 11.41 20.42 23.64
C ASP A 219 10.12 19.63 23.81
N PHE A 220 9.82 18.76 22.84
CA PHE A 220 8.61 17.94 22.91
C PHE A 220 7.37 18.83 22.97
N ALA A 221 7.56 20.10 22.62
CA ALA A 221 6.47 21.08 22.65
C ALA A 221 5.20 20.63 21.92
N GLU A 222 5.27 19.51 21.20
CA GLU A 222 4.10 19.03 20.48
C GLU A 222 3.43 17.80 21.11
N PHE A 223 4.08 17.22 22.11
CA PHE A 223 3.50 16.07 22.78
C PHE A 223 2.33 16.49 23.64
N THR A 224 1.27 16.96 22.99
CA THR A 224 0.06 17.40 23.69
C THR A 224 -1.07 16.40 23.55
N LEU A 225 -2.02 16.43 24.49
CA LEU A 225 -3.15 15.50 24.42
C LEU A 225 -4.00 15.86 23.21
N SER A 226 -3.91 17.12 22.81
CA SER A 226 -4.64 17.60 21.64
C SER A 226 -4.05 16.84 20.45
N ASN A 227 -2.74 16.93 20.32
CA ASN A 227 -2.01 16.27 19.26
C ASN A 227 -2.12 14.75 19.40
N TYR A 228 -2.17 14.28 20.63
CA TYR A 228 -2.28 12.85 20.89
C TYR A 228 -3.64 12.37 20.43
N LYS A 229 -4.67 13.14 20.76
CA LYS A 229 -6.03 12.79 20.37
C LYS A 229 -6.18 12.68 18.86
N ARG A 230 -5.46 13.52 18.13
CA ARG A 230 -5.53 13.50 16.67
C ARG A 230 -4.93 12.23 16.09
N ILE A 231 -3.76 11.84 16.56
CA ILE A 231 -3.09 10.64 16.07
C ILE A 231 -3.99 9.42 16.22
N VAL A 232 -4.39 9.18 17.47
CA VAL A 232 -5.23 8.06 17.84
C VAL A 232 -6.55 8.00 17.08
N LYS A 233 -7.25 9.12 17.01
CA LYS A 233 -8.53 9.18 16.31
C LYS A 233 -8.43 8.64 14.89
N TYR A 234 -7.50 9.19 14.12
CA TYR A 234 -7.32 8.79 12.73
C TYR A 234 -6.61 7.47 12.50
N LYS A 235 -5.54 7.20 13.25
CA LYS A 235 -4.82 5.96 13.03
C LYS A 235 -5.50 4.73 13.63
N THR A 236 -6.43 4.91 14.56
CA THR A 236 -7.07 3.73 15.15
C THR A 236 -8.60 3.68 15.23
N ALA A 237 -9.23 4.73 15.74
CA ALA A 237 -10.68 4.76 15.91
C ALA A 237 -11.53 4.30 14.73
N TYR A 238 -11.27 4.86 13.57
CA TYR A 238 -12.02 4.52 12.37
C TYR A 238 -12.04 3.06 11.96
N TYR A 239 -10.88 2.53 11.58
CA TYR A 239 -10.84 1.14 11.13
C TYR A 239 -11.01 0.12 12.24
N THR A 240 -10.62 0.48 13.45
CA THR A 240 -10.76 -0.44 14.57
C THR A 240 -12.16 -0.41 15.16
N TYR A 241 -12.83 0.74 15.10
CA TYR A 241 -14.18 0.81 15.67
C TYR A 241 -15.36 1.21 14.80
N LEU A 242 -15.26 2.32 14.09
CA LEU A 242 -16.38 2.76 13.26
C LEU A 242 -16.66 1.85 12.06
N LEU A 243 -15.60 1.35 11.42
CA LEU A 243 -15.74 0.50 10.25
C LEU A 243 -16.43 -0.84 10.51
N PRO A 244 -15.98 -1.60 11.53
CA PRO A 244 -16.61 -2.89 11.79
C PRO A 244 -18.11 -2.75 12.02
N LEU A 245 -18.48 -1.74 12.80
CA LEU A 245 -19.88 -1.44 13.12
C LEU A 245 -20.66 -1.13 11.86
N VAL A 246 -20.12 -0.21 11.08
CA VAL A 246 -20.71 0.24 9.82
C VAL A 246 -20.92 -0.91 8.84
N MET A 247 -19.88 -1.73 8.63
CA MET A 247 -19.99 -2.83 7.69
C MET A 247 -21.10 -3.79 8.09
N GLY A 248 -21.37 -3.86 9.40
CA GLY A 248 -22.42 -4.73 9.88
C GLY A 248 -23.79 -4.20 9.51
N LEU A 249 -23.95 -2.88 9.57
CA LEU A 249 -25.20 -2.23 9.23
C LEU A 249 -25.44 -2.29 7.72
N ILE A 250 -24.35 -2.21 6.95
CA ILE A 250 -24.46 -2.26 5.50
C ILE A 250 -24.87 -3.64 4.98
N VAL A 251 -24.29 -4.70 5.54
CA VAL A 251 -24.63 -6.04 5.08
C VAL A 251 -26.00 -6.47 5.61
N SER A 252 -26.43 -5.85 6.69
CA SER A 252 -27.74 -6.16 7.26
C SER A 252 -28.73 -5.17 6.66
N GLU A 253 -28.22 -4.24 5.87
CA GLU A 253 -29.04 -3.22 5.21
C GLU A 253 -29.82 -2.39 6.20
N ALA A 254 -29.25 -2.16 7.39
CA ALA A 254 -29.90 -1.39 8.43
C ALA A 254 -29.14 -0.11 8.75
N LEU A 255 -28.25 0.28 7.84
CA LEU A 255 -27.46 1.49 8.06
C LEU A 255 -28.32 2.71 8.36
N PRO A 256 -29.35 2.97 7.53
CA PRO A 256 -30.24 4.13 7.72
C PRO A 256 -31.11 4.08 8.97
N THR A 257 -30.99 3.02 9.76
CA THR A 257 -31.81 2.89 10.96
C THR A 257 -31.18 3.39 12.27
N VAL A 258 -29.88 3.64 12.28
CA VAL A 258 -29.23 4.09 13.51
C VAL A 258 -28.74 5.54 13.50
N ASP A 259 -28.59 6.09 14.70
CA ASP A 259 -28.12 7.46 14.88
C ASP A 259 -26.61 7.52 14.64
N MET A 260 -26.23 7.55 13.37
CA MET A 260 -24.83 7.60 12.99
C MET A 260 -24.05 8.62 13.82
N GLY A 261 -24.62 9.82 13.96
CA GLY A 261 -23.96 10.87 14.73
C GLY A 261 -23.50 10.40 16.10
N VAL A 262 -24.32 9.58 16.74
CA VAL A 262 -23.98 9.06 18.07
C VAL A 262 -23.01 7.90 17.88
N THR A 263 -23.38 6.98 16.99
CA THR A 263 -22.59 5.81 16.68
C THR A 263 -21.13 6.17 16.45
N GLU A 264 -20.88 7.31 15.82
CA GLU A 264 -19.53 7.76 15.56
C GLU A 264 -18.91 8.29 16.84
N GLU A 265 -19.65 9.14 17.54
CA GLU A 265 -19.17 9.69 18.81
C GLU A 265 -18.60 8.52 19.61
N LEU A 266 -19.39 7.45 19.69
CA LEU A 266 -19.01 6.25 20.40
C LEU A 266 -17.73 5.66 19.86
N ALA A 267 -17.72 5.37 18.56
CA ALA A 267 -16.56 4.80 17.90
C ALA A 267 -15.29 5.61 18.17
N MET A 268 -15.42 6.94 18.12
CA MET A 268 -14.28 7.81 18.35
C MET A 268 -13.82 7.69 19.78
N LEU A 269 -14.77 7.53 20.68
CA LEU A 269 -14.49 7.41 22.10
C LEU A 269 -13.80 6.10 22.42
N MET A 270 -14.46 4.99 22.12
CA MET A 270 -13.89 3.68 22.37
C MET A 270 -12.56 3.50 21.67
N GLY A 271 -12.44 4.07 20.48
CA GLY A 271 -11.21 3.97 19.72
C GLY A 271 -10.07 4.63 20.47
N GLU A 272 -10.31 5.84 20.97
CA GLU A 272 -9.29 6.58 21.71
C GLU A 272 -8.83 5.72 22.90
N TYR A 273 -9.82 5.21 23.64
CA TYR A 273 -9.57 4.37 24.80
C TYR A 273 -8.68 3.19 24.42
N PHE A 274 -9.15 2.40 23.45
CA PHE A 274 -8.44 1.23 22.97
C PHE A 274 -6.97 1.53 22.69
N GLN A 275 -6.71 2.67 22.03
CA GLN A 275 -5.35 3.03 21.70
C GLN A 275 -4.56 3.48 22.91
N VAL A 276 -5.25 4.05 23.88
CA VAL A 276 -4.57 4.48 25.10
C VAL A 276 -4.10 3.24 25.84
N GLN A 277 -4.89 2.18 25.73
CA GLN A 277 -4.55 0.90 26.35
C GLN A 277 -3.32 0.35 25.63
N ASP A 278 -3.36 0.40 24.30
CA ASP A 278 -2.27 -0.08 23.49
C ASP A 278 -0.96 0.54 23.99
N ASP A 279 -0.98 1.84 24.21
CA ASP A 279 0.18 2.59 24.67
C ASP A 279 0.64 2.10 26.05
N VAL A 280 -0.29 1.97 26.97
CA VAL A 280 0.03 1.52 28.32
C VAL A 280 0.64 0.13 28.36
N MET A 281 0.07 -0.79 27.59
CA MET A 281 0.59 -2.15 27.57
C MET A 281 1.97 -2.22 26.94
N ASP A 282 2.20 -1.39 25.92
CA ASP A 282 3.47 -1.34 25.22
C ASP A 282 4.58 -0.97 26.18
N CYS A 283 4.18 -0.57 27.38
CA CYS A 283 5.14 -0.17 28.39
C CYS A 283 5.09 -1.00 29.65
N PHE A 284 3.92 -1.53 29.99
CA PHE A 284 3.79 -2.30 31.21
C PHE A 284 3.21 -3.71 31.10
N THR A 285 2.82 -4.14 29.91
CA THR A 285 2.29 -5.49 29.77
C THR A 285 3.35 -6.40 29.13
N PRO A 286 3.88 -7.37 29.90
CA PRO A 286 4.90 -8.32 29.44
C PRO A 286 4.55 -9.00 28.12
N PRO A 287 5.48 -8.95 27.15
CA PRO A 287 5.28 -9.55 25.82
C PRO A 287 4.74 -10.97 25.84
N GLU A 288 5.24 -11.78 26.80
CA GLU A 288 4.79 -13.16 26.92
C GLU A 288 3.27 -13.15 26.98
N ARG A 289 2.74 -12.04 27.49
CA ARG A 289 1.30 -11.84 27.64
C ARG A 289 0.73 -11.03 26.49
N LEU A 290 1.44 -9.96 26.12
CA LEU A 290 1.01 -9.07 25.05
C LEU A 290 1.16 -9.66 23.65
N GLY A 291 2.25 -10.40 23.44
CA GLY A 291 2.48 -11.01 22.14
C GLY A 291 3.39 -10.14 21.29
N LYS A 292 3.84 -9.04 21.87
CA LYS A 292 4.73 -8.13 21.15
C LYS A 292 5.58 -7.31 22.12
N VAL A 293 6.81 -7.06 21.72
CA VAL A 293 7.73 -6.27 22.53
C VAL A 293 7.46 -4.80 22.27
N GLY A 294 7.44 -3.99 23.34
CA GLY A 294 7.17 -2.56 23.19
C GLY A 294 8.29 -1.80 22.51
N THR A 295 7.96 -0.69 21.85
CA THR A 295 8.97 0.10 21.15
C THR A 295 8.77 1.62 21.24
N ASP A 296 7.68 2.05 21.85
CA ASP A 296 7.39 3.48 21.94
C ASP A 296 8.50 4.31 22.54
N ILE A 297 8.90 3.97 23.77
CA ILE A 297 9.97 4.71 24.44
C ILE A 297 11.19 4.74 23.55
N GLN A 298 11.54 3.59 22.99
CA GLN A 298 12.69 3.49 22.10
C GLN A 298 12.47 4.34 20.84
N ASP A 299 11.26 4.29 20.29
CA ASP A 299 10.90 5.05 19.09
C ASP A 299 10.62 6.53 19.30
N ALA A 300 10.62 6.95 20.57
CA ALA A 300 10.36 8.34 20.92
C ALA A 300 8.96 8.74 20.49
N LYS A 301 8.01 7.83 20.61
CA LYS A 301 6.63 8.08 20.21
C LYS A 301 5.84 9.00 21.13
N CYS A 302 4.83 9.65 20.54
CA CYS A 302 3.95 10.56 21.26
C CYS A 302 2.79 9.71 21.77
N SER A 303 3.07 8.90 22.79
CA SER A 303 2.08 8.02 23.38
C SER A 303 1.23 8.72 24.44
N TRP A 304 0.32 7.97 25.04
CA TRP A 304 -0.55 8.51 26.06
C TRP A 304 0.29 8.81 27.30
N LEU A 305 1.16 7.86 27.64
CA LEU A 305 2.04 7.97 28.79
C LEU A 305 2.93 9.20 28.69
N ALA A 306 3.45 9.43 27.49
CA ALA A 306 4.34 10.57 27.26
C ALA A 306 3.64 11.91 27.45
N VAL A 307 2.53 12.11 26.76
CA VAL A 307 1.80 13.36 26.84
C VAL A 307 1.24 13.60 28.24
N THR A 308 0.78 12.55 28.89
CA THR A 308 0.24 12.70 30.23
C THR A 308 1.36 13.07 31.20
N PHE A 309 2.43 12.27 31.21
CA PHE A 309 3.57 12.53 32.06
C PHE A 309 4.03 13.97 31.89
N LEU A 310 4.40 14.32 30.66
CA LEU A 310 4.89 15.66 30.37
C LEU A 310 4.02 16.78 30.89
N ALA A 311 2.72 16.67 30.70
CA ALA A 311 1.79 17.70 31.14
C ALA A 311 1.73 17.86 32.66
N LYS A 312 2.04 16.79 33.39
CA LYS A 312 2.00 16.83 34.85
C LYS A 312 3.36 16.79 35.52
N ALA A 313 4.42 16.50 34.76
CA ALA A 313 5.76 16.39 35.32
C ALA A 313 6.46 17.72 35.55
N SER A 314 7.37 17.73 36.51
CA SER A 314 8.14 18.91 36.86
C SER A 314 9.31 19.06 35.90
N SER A 315 9.89 20.25 35.84
CA SER A 315 11.02 20.52 34.96
C SER A 315 12.16 19.55 35.23
N ALA A 316 12.30 19.15 36.49
CA ALA A 316 13.35 18.20 36.88
C ALA A 316 13.04 16.85 36.28
N GLN A 317 11.79 16.41 36.41
CA GLN A 317 11.35 15.13 35.87
C GLN A 317 11.43 15.12 34.35
N VAL A 318 11.06 16.24 33.74
CA VAL A 318 11.08 16.34 32.29
C VAL A 318 12.49 16.41 31.72
N ALA A 319 13.41 17.01 32.45
CA ALA A 319 14.80 17.09 32.00
C ALA A 319 15.35 15.67 31.93
N GLU A 320 15.03 14.86 32.94
CA GLU A 320 15.47 13.47 32.99
C GLU A 320 14.85 12.68 31.84
N PHE A 321 13.58 12.96 31.58
CA PHE A 321 12.83 12.31 30.49
C PHE A 321 13.54 12.57 29.16
N LYS A 322 13.84 13.83 28.89
CA LYS A 322 14.52 14.20 27.65
C LYS A 322 15.90 13.55 27.58
N ALA A 323 16.37 13.04 28.70
CA ALA A 323 17.69 12.43 28.74
C ALA A 323 17.68 10.92 28.52
N ASN A 324 16.51 10.30 28.59
CA ASN A 324 16.46 8.85 28.41
C ASN A 324 15.39 8.36 27.44
N TYR A 325 14.62 9.29 26.87
CA TYR A 325 13.56 8.92 25.94
C TYR A 325 14.04 8.81 24.49
N GLY A 326 13.49 7.84 23.78
CA GLY A 326 13.87 7.65 22.38
C GLY A 326 15.24 7.03 22.26
N SER A 327 15.57 6.18 23.23
CA SER A 327 16.85 5.52 23.24
C SER A 327 16.69 4.01 23.30
N GLY A 328 17.53 3.31 22.54
CA GLY A 328 17.49 1.86 22.53
C GLY A 328 18.05 1.32 23.83
N ASP A 329 19.03 2.04 24.38
CA ASP A 329 19.64 1.65 25.63
C ASP A 329 18.54 1.28 26.62
N SER A 330 18.57 0.03 27.07
CA SER A 330 17.55 -0.50 27.99
C SER A 330 17.55 0.04 29.42
N GLU A 331 18.70 0.47 29.93
CA GLU A 331 18.71 0.99 31.29
C GLU A 331 18.05 2.38 31.30
N LYS A 332 18.03 3.02 30.13
CA LYS A 332 17.40 4.33 29.99
C LYS A 332 15.88 4.15 29.89
N VAL A 333 15.47 3.12 29.15
CA VAL A 333 14.05 2.80 28.99
C VAL A 333 13.50 2.49 30.37
N ALA A 334 14.33 1.89 31.21
CA ALA A 334 13.96 1.54 32.57
C ALA A 334 13.82 2.82 33.38
N THR A 335 14.59 3.84 32.98
CA THR A 335 14.55 5.13 33.67
C THR A 335 13.19 5.76 33.36
N VAL A 336 12.85 5.80 32.08
CA VAL A 336 11.58 6.35 31.65
C VAL A 336 10.48 5.58 32.37
N ARG A 337 10.45 4.27 32.14
CA ARG A 337 9.45 3.42 32.77
C ARG A 337 9.34 3.75 34.25
N ARG A 338 10.48 3.92 34.91
CA ARG A 338 10.53 4.27 36.32
C ARG A 338 9.86 5.62 36.57
N LEU A 339 10.22 6.60 35.74
CA LEU A 339 9.65 7.94 35.85
C LEU A 339 8.12 7.93 35.79
N TYR A 340 7.55 7.23 34.81
CA TYR A 340 6.10 7.16 34.68
C TYR A 340 5.43 6.67 35.97
N GLU A 341 5.93 5.56 36.51
CA GLU A 341 5.38 4.99 37.75
C GLU A 341 5.40 6.00 38.89
N GLU A 342 6.48 6.76 38.98
CA GLU A 342 6.65 7.76 40.02
C GLU A 342 5.88 9.07 39.82
N ALA A 343 4.96 9.08 38.87
CA ALA A 343 4.15 10.26 38.61
C ALA A 343 2.68 9.85 38.69
N ASP A 344 2.47 8.63 39.17
CA ASP A 344 1.13 8.07 39.33
C ASP A 344 0.31 8.16 38.04
N LEU A 345 0.86 7.66 36.94
CA LEU A 345 0.15 7.67 35.68
C LEU A 345 -1.01 6.68 35.83
N GLN A 346 -0.80 5.67 36.66
CA GLN A 346 -1.81 4.66 36.91
C GLN A 346 -3.07 5.31 37.49
N GLY A 347 -2.88 6.43 38.17
CA GLY A 347 -4.01 7.13 38.74
C GLY A 347 -4.76 7.78 37.60
N ASP A 348 -4.06 8.61 36.85
CA ASP A 348 -4.63 9.30 35.70
C ASP A 348 -5.38 8.31 34.82
N TYR A 349 -4.75 7.18 34.55
CA TYR A 349 -5.34 6.17 33.71
C TYR A 349 -6.70 5.73 34.23
N VAL A 350 -6.73 5.24 35.46
CA VAL A 350 -7.97 4.78 36.08
C VAL A 350 -9.04 5.88 36.05
N ALA A 351 -8.62 7.12 36.23
CA ALA A 351 -9.55 8.24 36.22
C ALA A 351 -10.13 8.38 34.81
N TYR A 352 -9.24 8.38 33.82
CA TYR A 352 -9.64 8.49 32.42
C TYR A 352 -10.61 7.37 32.04
N GLU A 353 -10.19 6.14 32.30
CA GLU A 353 -10.97 4.96 32.01
C GLU A 353 -12.39 5.05 32.57
N ALA A 354 -12.54 5.73 33.70
CA ALA A 354 -13.83 5.90 34.35
C ALA A 354 -14.69 6.91 33.62
N ALA A 355 -14.09 8.05 33.28
CA ALA A 355 -14.81 9.10 32.56
C ALA A 355 -15.32 8.55 31.23
N VAL A 356 -14.52 7.67 30.62
CA VAL A 356 -14.87 7.06 29.34
C VAL A 356 -16.05 6.11 29.53
N ALA A 357 -15.94 5.22 30.50
CA ALA A 357 -16.99 4.26 30.78
C ALA A 357 -18.32 4.97 31.02
N GLU A 358 -18.25 6.16 31.60
CA GLU A 358 -19.45 6.94 31.88
C GLU A 358 -20.13 7.31 30.56
N GLN A 359 -19.40 8.01 29.70
CA GLN A 359 -19.94 8.44 28.41
C GLN A 359 -20.36 7.29 27.53
N VAL A 360 -19.58 6.23 27.52
CA VAL A 360 -19.93 5.08 26.69
C VAL A 360 -21.29 4.58 27.15
N LYS A 361 -21.46 4.43 28.46
CA LYS A 361 -22.71 3.94 29.04
C LYS A 361 -23.89 4.76 28.56
N GLU A 362 -23.77 6.08 28.64
CA GLU A 362 -24.84 6.98 28.23
C GLU A 362 -25.17 6.86 26.74
N LEU A 363 -24.16 7.08 25.90
CA LEU A 363 -24.34 7.01 24.46
C LEU A 363 -25.03 5.73 24.00
N ILE A 364 -24.65 4.59 24.60
CA ILE A 364 -25.25 3.32 24.22
C ILE A 364 -26.75 3.33 24.51
N GLU A 365 -27.14 3.94 25.63
CA GLU A 365 -28.55 4.03 25.99
C GLU A 365 -29.21 4.98 25.02
N LYS A 366 -28.59 6.14 24.85
CA LYS A 366 -29.08 7.16 23.93
C LYS A 366 -29.31 6.50 22.57
N LEU A 367 -28.53 5.47 22.29
CA LEU A 367 -28.61 4.72 21.03
C LEU A 367 -29.68 3.64 21.11
N ARG A 368 -29.75 2.97 22.26
CA ARG A 368 -30.72 1.89 22.45
C ARG A 368 -32.15 2.33 22.15
N LEU A 369 -32.46 3.59 22.44
CA LEU A 369 -33.79 4.13 22.22
C LEU A 369 -34.40 3.79 20.85
N CYS A 370 -33.70 4.15 19.79
CA CYS A 370 -34.21 3.86 18.44
C CYS A 370 -33.54 2.64 17.81
N SER A 371 -32.47 2.15 18.41
CA SER A 371 -31.77 0.99 17.85
C SER A 371 -31.35 -0.02 18.92
N PRO A 372 -32.31 -0.80 19.43
CA PRO A 372 -32.06 -1.81 20.46
C PRO A 372 -31.01 -2.87 20.08
N GLY A 373 -31.21 -3.51 18.93
CA GLY A 373 -30.28 -4.54 18.50
C GLY A 373 -28.85 -4.03 18.34
N PHE A 374 -28.69 -2.94 17.59
CA PHE A 374 -27.39 -2.36 17.36
C PHE A 374 -26.74 -1.99 18.69
N ALA A 375 -27.45 -1.18 19.47
CA ALA A 375 -26.97 -0.74 20.78
C ALA A 375 -26.39 -1.94 21.53
N ALA A 376 -27.06 -3.08 21.42
CA ALA A 376 -26.62 -4.30 22.07
C ALA A 376 -25.25 -4.76 21.56
N SER A 377 -25.11 -4.85 20.24
CA SER A 377 -23.83 -5.27 19.66
C SER A 377 -22.74 -4.27 20.02
N VAL A 378 -23.08 -2.98 20.01
CA VAL A 378 -22.12 -1.95 20.36
C VAL A 378 -21.69 -2.17 21.81
N GLU A 379 -22.65 -2.53 22.65
CA GLU A 379 -22.40 -2.80 24.06
C GLU A 379 -21.48 -4.01 24.17
N THR A 380 -21.66 -4.98 23.29
CA THR A 380 -20.84 -6.17 23.28
C THR A 380 -19.41 -5.78 22.94
N LEU A 381 -19.26 -5.07 21.82
CA LEU A 381 -17.95 -4.63 21.35
C LEU A 381 -17.23 -3.94 22.51
N TRP A 382 -17.99 -3.29 23.37
CA TRP A 382 -17.44 -2.59 24.51
C TRP A 382 -16.89 -3.59 25.52
N GLY A 383 -17.62 -4.68 25.73
CA GLY A 383 -17.20 -5.70 26.66
C GLY A 383 -15.84 -6.26 26.30
N LYS A 384 -15.53 -6.29 25.00
CA LYS A 384 -14.25 -6.80 24.54
C LYS A 384 -13.18 -5.73 24.72
N THR A 385 -13.62 -4.51 24.99
CA THR A 385 -12.70 -3.38 25.12
C THR A 385 -12.35 -3.02 26.56
N TYR A 386 -13.38 -2.69 27.34
CA TYR A 386 -13.23 -2.29 28.73
C TYR A 386 -12.34 -3.20 29.57
N LYS A 387 -11.21 -2.64 30.03
CA LYS A 387 -10.25 -3.37 30.85
C LYS A 387 -9.76 -4.68 30.23
N ARG A 388 -9.29 -4.59 28.99
CA ARG A 388 -8.77 -5.75 28.28
C ARG A 388 -7.33 -6.00 28.72
N GLN A 389 -6.89 -7.25 28.61
CA GLN A 389 -5.54 -7.64 29.02
C GLN A 389 -4.67 -7.97 27.80
N LYS A 390 -5.27 -8.73 26.87
CA LYS A 390 -4.64 -9.17 25.62
C LYS A 390 -3.81 -10.43 25.70
N MET B 24 -0.34 21.72 -25.81
CA MET B 24 -1.62 21.68 -25.11
C MET B 24 -1.74 20.52 -24.12
N PRO B 25 -1.63 19.27 -24.61
CA PRO B 25 -1.73 18.08 -23.74
C PRO B 25 -1.09 18.24 -22.36
N MET B 26 0.19 18.60 -22.34
CA MET B 26 0.92 18.78 -21.09
C MET B 26 0.33 19.88 -20.22
N GLN B 27 0.00 21.00 -20.84
CA GLN B 27 -0.56 22.15 -20.15
C GLN B 27 -1.92 21.85 -19.52
N MET B 28 -2.72 21.05 -20.21
CA MET B 28 -4.04 20.70 -19.71
C MET B 28 -3.91 19.67 -18.59
N PHE B 29 -2.90 18.82 -18.73
CA PHE B 29 -2.64 17.78 -17.76
C PHE B 29 -2.16 18.43 -16.47
N MET B 30 -1.23 19.36 -16.60
CA MET B 30 -0.70 20.07 -15.45
C MET B 30 -1.76 20.92 -14.79
N GLN B 31 -2.73 21.34 -15.59
CA GLN B 31 -3.84 22.15 -15.13
C GLN B 31 -4.63 21.34 -14.11
N VAL B 32 -5.01 20.13 -14.50
CA VAL B 32 -5.78 19.23 -13.65
C VAL B 32 -5.00 18.83 -12.40
N TYR B 33 -3.70 18.68 -12.55
CA TYR B 33 -2.85 18.31 -11.43
C TYR B 33 -3.06 19.27 -10.25
N ASP B 34 -2.90 20.55 -10.52
CA ASP B 34 -3.07 21.58 -9.50
C ASP B 34 -4.47 21.53 -8.92
N GLU B 35 -5.43 21.21 -9.77
CA GLU B 35 -6.82 21.12 -9.35
C GLU B 35 -6.96 19.95 -8.40
N ILE B 36 -6.29 18.84 -8.74
CA ILE B 36 -6.32 17.63 -7.94
C ILE B 36 -5.55 17.83 -6.64
N GLN B 37 -4.42 18.51 -6.72
CA GLN B 37 -3.61 18.75 -5.53
C GLN B 37 -4.37 19.68 -4.60
N MET B 38 -5.26 20.48 -5.18
CA MET B 38 -6.04 21.42 -4.40
C MET B 38 -7.16 20.74 -3.62
N PHE B 39 -7.79 19.76 -4.24
CA PHE B 39 -8.87 19.05 -3.59
C PHE B 39 -8.37 18.19 -2.43
N LEU B 40 -7.36 17.38 -2.72
CA LEU B 40 -6.80 16.49 -1.72
C LEU B 40 -6.22 17.25 -0.52
N LEU B 41 -5.30 18.17 -0.79
CA LEU B 41 -4.70 18.94 0.29
C LEU B 41 -5.68 19.76 1.12
N GLU B 42 -6.77 20.19 0.52
CA GLU B 42 -7.77 20.97 1.26
C GLU B 42 -8.71 20.08 2.05
N GLU B 43 -9.05 18.94 1.48
CA GLU B 43 -9.92 18.00 2.18
C GLU B 43 -9.26 17.62 3.49
N LEU B 44 -7.95 17.36 3.43
CA LEU B 44 -7.18 16.97 4.61
C LEU B 44 -7.21 18.09 5.64
N GLU B 45 -7.00 19.31 5.17
CA GLU B 45 -6.99 20.48 6.03
C GLU B 45 -8.33 20.62 6.76
N LEU B 46 -9.42 20.62 6.00
CA LEU B 46 -10.76 20.79 6.55
C LEU B 46 -11.39 19.58 7.22
N LYS B 47 -11.31 18.40 6.60
CA LYS B 47 -11.93 17.21 7.16
C LYS B 47 -11.02 16.25 7.93
N PHE B 48 -9.71 16.35 7.73
CA PHE B 48 -8.80 15.43 8.41
C PHE B 48 -7.99 16.09 9.50
N ASP B 49 -8.50 17.21 9.99
CA ASP B 49 -7.89 17.95 11.09
C ASP B 49 -6.37 18.06 10.93
N MET B 50 -5.92 18.35 9.72
CA MET B 50 -4.49 18.45 9.47
C MET B 50 -3.93 19.88 9.58
N ASP B 51 -2.69 19.97 10.06
CA ASP B 51 -2.03 21.25 10.23
C ASP B 51 -1.31 21.70 8.96
N PRO B 52 -1.01 23.01 8.85
CA PRO B 52 -0.33 23.59 7.69
C PRO B 52 1.05 23.01 7.44
N ASN B 53 1.72 22.60 8.51
CA ASN B 53 3.05 22.03 8.36
C ASN B 53 3.01 20.73 7.60
N ARG B 54 2.12 19.83 8.02
CA ARG B 54 2.01 18.54 7.35
C ARG B 54 1.33 18.66 5.98
N VAL B 55 0.70 19.79 5.72
CA VAL B 55 0.07 20.00 4.41
C VAL B 55 1.16 20.45 3.44
N ARG B 56 2.12 21.22 3.95
CA ARG B 56 3.24 21.69 3.13
C ARG B 56 4.07 20.47 2.74
N TYR B 57 4.20 19.54 3.67
CA TYR B 57 4.98 18.33 3.45
C TYR B 57 4.34 17.46 2.37
N LEU B 58 3.08 17.12 2.55
CA LEU B 58 2.36 16.30 1.58
C LEU B 58 2.34 16.93 0.20
N ARG B 59 2.29 18.26 0.13
CA ARG B 59 2.29 18.93 -1.15
C ARG B 59 3.64 18.70 -1.81
N LYS B 60 4.70 18.81 -1.01
CA LYS B 60 6.07 18.59 -1.46
C LYS B 60 6.27 17.13 -1.85
N MET B 61 5.73 16.23 -1.03
CA MET B 61 5.83 14.80 -1.28
C MET B 61 5.12 14.47 -2.59
N MET B 62 3.98 15.11 -2.81
CA MET B 62 3.20 14.88 -4.03
C MET B 62 3.96 15.35 -5.26
N ASP B 63 4.45 16.59 -5.22
CA ASP B 63 5.18 17.15 -6.35
C ASP B 63 6.46 16.37 -6.67
N THR B 64 7.12 15.86 -5.63
CA THR B 64 8.35 15.11 -5.81
C THR B 64 8.13 13.71 -6.35
N THR B 65 7.18 12.99 -5.76
CA THR B 65 6.88 11.63 -6.16
C THR B 65 6.05 11.49 -7.44
N CYS B 66 5.28 12.51 -7.78
CA CYS B 66 4.43 12.43 -8.97
C CYS B 66 4.92 13.20 -10.18
N LEU B 67 5.83 14.14 -9.98
CA LEU B 67 6.34 14.94 -11.09
C LEU B 67 7.78 14.58 -11.43
N GLY B 68 8.25 15.07 -12.58
CA GLY B 68 9.61 14.82 -13.00
C GLY B 68 9.77 13.62 -13.91
N GLY B 69 8.72 12.82 -14.01
CA GLY B 69 8.78 11.64 -14.85
C GLY B 69 8.58 12.01 -16.30
N LYS B 70 8.35 11.01 -17.15
CA LYS B 70 8.13 11.23 -18.56
C LYS B 70 6.65 11.42 -18.87
N TYR B 71 5.80 11.05 -17.91
CA TYR B 71 4.35 11.19 -18.05
C TYR B 71 3.76 10.38 -19.20
N ASN B 72 4.46 9.33 -19.63
CA ASN B 72 3.96 8.52 -20.72
C ASN B 72 2.62 7.87 -20.41
N ARG B 73 2.53 7.18 -19.28
CA ARG B 73 1.29 6.51 -18.91
C ARG B 73 0.14 7.50 -18.84
N GLY B 74 0.36 8.63 -18.18
CA GLY B 74 -0.67 9.64 -18.05
C GLY B 74 -1.11 10.26 -19.36
N LEU B 75 -0.17 10.81 -20.12
CA LEU B 75 -0.47 11.44 -21.39
C LEU B 75 -1.07 10.47 -22.40
N THR B 76 -0.84 9.18 -22.19
CA THR B 76 -1.38 8.15 -23.07
C THR B 76 -2.89 8.10 -22.94
N VAL B 77 -3.39 8.26 -21.71
CA VAL B 77 -4.83 8.26 -21.47
C VAL B 77 -5.46 9.36 -22.30
N ILE B 78 -4.91 10.56 -22.16
CA ILE B 78 -5.40 11.72 -22.89
C ILE B 78 -5.36 11.50 -24.39
N ASP B 79 -4.18 11.13 -24.90
CA ASP B 79 -4.03 10.90 -26.34
C ASP B 79 -5.12 9.95 -26.84
N VAL B 80 -5.26 8.80 -26.17
CA VAL B 80 -6.27 7.84 -26.58
C VAL B 80 -7.64 8.52 -26.56
N ALA B 81 -8.00 9.06 -25.41
CA ALA B 81 -9.28 9.74 -25.24
C ALA B 81 -9.59 10.64 -26.43
N GLU B 82 -8.63 11.46 -26.81
CA GLU B 82 -8.83 12.38 -27.93
C GLU B 82 -8.99 11.67 -29.26
N SER B 83 -8.02 10.83 -29.59
CA SER B 83 -8.04 10.08 -30.83
C SER B 83 -9.45 9.55 -31.10
N LEU B 84 -10.18 9.25 -30.03
CA LEU B 84 -11.53 8.73 -30.17
C LEU B 84 -12.55 9.84 -30.39
N LEU B 85 -12.30 11.00 -29.80
CA LEU B 85 -13.18 12.15 -29.95
C LEU B 85 -13.43 12.37 -31.44
N SER B 86 -14.52 11.76 -31.93
CA SER B 86 -14.97 11.81 -33.33
C SER B 86 -15.33 10.38 -33.75
N LEU B 87 -16.32 9.80 -33.07
CA LEU B 87 -16.75 8.44 -33.37
C LEU B 87 -18.25 8.40 -33.64
N ASP B 97 -21.49 18.51 -27.59
CA ASP B 97 -20.30 17.95 -28.26
C ASP B 97 -19.06 18.76 -27.87
N GLY B 98 -19.25 20.06 -27.70
CA GLY B 98 -18.14 20.91 -27.31
C GLY B 98 -18.00 20.69 -25.83
N ALA B 99 -19.12 20.31 -25.20
CA ALA B 99 -19.17 20.02 -23.78
C ALA B 99 -18.62 18.60 -23.53
N ARG B 100 -19.04 17.66 -24.36
CA ARG B 100 -18.58 16.28 -24.26
C ARG B 100 -17.06 16.31 -24.28
N ARG B 101 -16.52 16.87 -25.35
CA ARG B 101 -15.09 16.99 -25.54
C ARG B 101 -14.41 17.52 -24.28
N LYS B 102 -15.04 18.51 -23.65
CA LYS B 102 -14.48 19.11 -22.45
C LYS B 102 -14.53 18.16 -21.26
N ARG B 103 -15.51 17.26 -21.26
CA ARG B 103 -15.64 16.32 -20.17
C ARG B 103 -14.78 15.10 -20.40
N VAL B 104 -14.84 14.53 -21.61
CA VAL B 104 -14.04 13.37 -21.91
C VAL B 104 -12.56 13.68 -21.67
N LEU B 105 -12.14 14.85 -22.13
CA LEU B 105 -10.76 15.28 -21.97
C LEU B 105 -10.38 15.48 -20.51
N HIS B 106 -11.34 15.91 -19.70
CA HIS B 106 -11.05 16.12 -18.29
C HIS B 106 -10.98 14.80 -17.53
N ASP B 107 -11.87 13.88 -17.88
CA ASP B 107 -11.89 12.58 -17.24
C ASP B 107 -10.60 11.84 -17.58
N ALA B 108 -10.10 12.07 -18.78
CA ALA B 108 -8.87 11.44 -19.22
C ALA B 108 -7.72 11.93 -18.36
N CYS B 109 -7.78 13.21 -18.00
CA CYS B 109 -6.76 13.83 -17.16
C CYS B 109 -6.76 13.25 -15.75
N VAL B 110 -7.95 13.03 -15.21
CA VAL B 110 -8.05 12.46 -13.87
C VAL B 110 -7.48 11.04 -13.87
N CYS B 111 -7.94 10.23 -14.82
CA CYS B 111 -7.45 8.85 -14.92
C CYS B 111 -5.96 8.89 -15.21
N GLY B 112 -5.53 9.97 -15.86
CA GLY B 112 -4.13 10.12 -16.17
C GLY B 112 -3.28 10.21 -14.93
N TRP B 113 -3.75 10.96 -13.94
CA TRP B 113 -3.02 11.11 -12.70
C TRP B 113 -3.18 9.90 -11.81
N MET B 114 -4.33 9.25 -11.88
CA MET B 114 -4.54 8.05 -11.07
C MET B 114 -3.39 7.08 -11.35
N ILE B 115 -2.99 6.99 -12.62
CA ILE B 115 -1.92 6.11 -13.02
C ILE B 115 -0.56 6.67 -12.62
N GLU B 116 -0.39 7.98 -12.76
CA GLU B 116 0.85 8.64 -12.38
C GLU B 116 1.04 8.52 -10.87
N PHE B 117 -0.04 8.64 -10.12
CA PHE B 117 0.00 8.53 -8.67
C PHE B 117 0.26 7.08 -8.27
N LEU B 118 -0.19 6.14 -9.09
CA LEU B 118 0.00 4.73 -8.81
C LEU B 118 1.45 4.39 -9.14
N GLN B 119 1.97 5.05 -10.17
CA GLN B 119 3.34 4.87 -10.61
C GLN B 119 4.23 5.43 -9.50
N ALA B 120 3.77 6.53 -8.92
CA ALA B 120 4.50 7.20 -7.85
C ALA B 120 4.54 6.32 -6.61
N HIS B 121 3.41 5.67 -6.31
CA HIS B 121 3.33 4.80 -5.16
C HIS B 121 4.31 3.64 -5.26
N TYR B 122 4.37 3.02 -6.43
CA TYR B 122 5.26 1.89 -6.64
C TYR B 122 6.72 2.28 -6.74
N LEU B 123 7.00 3.49 -7.21
CA LEU B 123 8.36 3.94 -7.34
C LEU B 123 8.95 4.24 -5.96
N VAL B 124 8.15 4.80 -5.06
CA VAL B 124 8.61 5.08 -3.73
C VAL B 124 8.95 3.77 -3.03
N GLU B 125 8.00 2.85 -3.02
CA GLU B 125 8.18 1.56 -2.38
C GLU B 125 9.31 0.74 -3.02
N ASP B 126 9.41 0.77 -4.36
CA ASP B 126 10.46 0.03 -5.06
C ASP B 126 11.85 0.57 -4.77
N ASP B 127 12.01 1.88 -4.77
CA ASP B 127 13.31 2.46 -4.48
C ASP B 127 13.81 1.99 -3.12
N ILE B 128 12.89 1.62 -2.23
CA ILE B 128 13.26 1.13 -0.90
C ILE B 128 13.63 -0.34 -1.02
N MET B 129 12.75 -1.11 -1.63
CA MET B 129 12.95 -2.53 -1.84
C MET B 129 14.24 -2.81 -2.61
N ASP B 130 14.56 -1.94 -3.58
CA ASP B 130 15.75 -2.11 -4.40
C ASP B 130 16.98 -1.39 -3.87
N ASN B 131 16.81 -0.67 -2.75
CA ASN B 131 17.91 0.07 -2.13
C ASN B 131 18.55 1.08 -3.08
N SER B 132 17.79 1.58 -4.04
CA SER B 132 18.30 2.56 -4.99
C SER B 132 18.70 3.85 -4.29
N VAL B 133 19.36 4.75 -5.03
CA VAL B 133 19.81 6.00 -4.44
C VAL B 133 19.21 7.27 -5.05
N THR B 134 18.94 7.26 -6.36
CA THR B 134 18.36 8.45 -6.98
C THR B 134 17.15 8.13 -7.86
N ARG B 135 16.34 9.16 -8.11
CA ARG B 135 15.15 9.02 -8.92
C ARG B 135 14.81 10.34 -9.61
N ARG B 136 14.67 10.30 -10.93
CA ARG B 136 14.34 11.48 -11.71
C ARG B 136 15.21 12.69 -11.41
N GLY B 137 16.51 12.48 -11.34
CA GLY B 137 17.42 13.57 -11.08
C GLY B 137 17.66 13.91 -9.63
N LYS B 138 16.80 13.44 -8.73
CA LYS B 138 16.98 13.73 -7.30
C LYS B 138 17.18 12.42 -6.56
N PRO B 139 17.43 12.50 -5.24
CA PRO B 139 17.62 11.28 -4.47
C PRO B 139 16.26 10.62 -4.29
N CYS B 140 16.25 9.30 -4.13
CA CYS B 140 15.00 8.57 -3.93
C CYS B 140 14.23 9.23 -2.80
N TRP B 141 12.91 9.11 -2.83
CA TRP B 141 12.11 9.72 -1.79
C TRP B 141 12.60 9.35 -0.39
N TYR B 142 12.76 8.06 -0.13
CA TYR B 142 13.19 7.59 1.18
C TYR B 142 14.63 8.03 1.52
N ARG B 143 15.27 8.72 0.58
CA ARG B 143 16.63 9.18 0.82
C ARG B 143 16.70 10.69 0.92
N HIS B 144 15.54 11.35 0.96
CA HIS B 144 15.54 12.80 1.11
C HIS B 144 15.91 13.08 2.56
N PRO B 145 16.60 14.20 2.81
CA PRO B 145 17.05 14.62 4.13
C PRO B 145 16.04 14.55 5.30
N ASP B 146 14.85 15.14 5.13
CA ASP B 146 13.84 15.13 6.21
C ASP B 146 12.82 14.02 6.04
N VAL B 147 13.11 13.08 5.15
CA VAL B 147 12.20 11.97 4.93
C VAL B 147 12.84 10.71 5.50
N THR B 148 12.26 10.18 6.56
CA THR B 148 12.78 8.98 7.19
C THR B 148 12.29 7.78 6.40
N VAL B 149 13.09 6.72 6.41
CA VAL B 149 12.73 5.51 5.69
C VAL B 149 11.36 4.97 6.06
N GLN B 150 10.99 5.05 7.34
CA GLN B 150 9.69 4.52 7.72
C GLN B 150 8.54 5.41 7.29
N CYS B 151 8.77 6.73 7.24
CA CYS B 151 7.72 7.64 6.83
C CYS B 151 7.50 7.49 5.32
N ALA B 152 8.61 7.38 4.59
CA ALA B 152 8.54 7.22 3.14
C ALA B 152 7.64 6.04 2.80
N ILE B 153 7.72 4.98 3.60
CA ILE B 153 6.91 3.80 3.41
C ILE B 153 5.43 4.17 3.46
N ASN B 154 5.05 4.96 4.45
CA ASN B 154 3.67 5.38 4.60
C ASN B 154 3.28 6.42 3.55
N ASP B 155 4.20 7.34 3.26
CA ASP B 155 3.93 8.35 2.24
C ASP B 155 3.54 7.62 0.97
N GLY B 156 4.17 6.45 0.77
CA GLY B 156 3.87 5.64 -0.39
C GLY B 156 2.43 5.18 -0.30
N LEU B 157 2.01 4.82 0.91
CA LEU B 157 0.64 4.37 1.11
C LEU B 157 -0.33 5.50 0.78
N LEU B 158 -0.01 6.71 1.22
CA LEU B 158 -0.84 7.87 0.97
C LEU B 158 -1.02 8.05 -0.53
N LEU B 159 0.05 7.79 -1.28
CA LEU B 159 0.03 7.89 -2.73
C LEU B 159 -1.04 7.03 -3.37
N LYS B 160 -1.17 5.80 -2.91
CA LYS B 160 -2.15 4.91 -3.49
C LYS B 160 -3.58 5.28 -3.06
N SER B 161 -3.72 5.78 -1.85
CA SER B 161 -5.04 6.18 -1.38
C SER B 161 -5.57 7.32 -2.24
N TRP B 162 -4.71 8.29 -2.51
CA TRP B 162 -5.11 9.44 -3.30
C TRP B 162 -5.74 9.02 -4.64
N THR B 163 -5.19 8.00 -5.27
CA THR B 163 -5.73 7.56 -6.54
C THR B 163 -7.22 7.28 -6.38
N HIS B 164 -7.59 6.64 -5.28
CA HIS B 164 -9.00 6.35 -5.04
C HIS B 164 -9.77 7.60 -4.69
N MET B 165 -9.18 8.42 -3.84
CA MET B 165 -9.85 9.65 -3.43
C MET B 165 -10.18 10.55 -4.63
N MET B 166 -9.24 10.69 -5.56
CA MET B 166 -9.48 11.54 -6.71
C MET B 166 -10.53 10.95 -7.66
N ALA B 167 -10.51 9.64 -7.84
CA ALA B 167 -11.47 9.00 -8.72
C ALA B 167 -12.89 9.14 -8.18
N MET B 168 -13.04 8.83 -6.90
CA MET B 168 -14.33 8.89 -6.22
C MET B 168 -14.92 10.31 -6.21
N HIS B 169 -14.06 11.30 -6.10
CA HIS B 169 -14.50 12.69 -6.06
C HIS B 169 -14.85 13.27 -7.43
N PHE B 170 -14.15 12.84 -8.47
CA PHE B 170 -14.40 13.35 -9.81
C PHE B 170 -15.34 12.48 -10.64
N PHE B 171 -15.38 11.19 -10.35
CA PHE B 171 -16.22 10.28 -11.12
C PHE B 171 -17.43 9.74 -10.37
N ALA B 172 -17.79 10.38 -9.27
CA ALA B 172 -18.94 9.94 -8.48
C ALA B 172 -20.21 9.71 -9.32
N ASP B 173 -20.50 10.63 -10.23
CA ASP B 173 -21.69 10.53 -11.08
C ASP B 173 -21.48 9.82 -12.42
N ARG B 174 -20.26 9.34 -12.66
CA ARG B 174 -19.97 8.64 -13.92
C ARG B 174 -20.43 7.19 -13.83
N PRO B 175 -21.19 6.71 -14.83
CA PRO B 175 -21.65 5.32 -14.81
C PRO B 175 -20.50 4.32 -14.88
N PHE B 176 -19.40 4.71 -15.53
CA PHE B 176 -18.25 3.83 -15.68
C PHE B 176 -17.42 3.67 -14.42
N LEU B 177 -17.77 4.42 -13.37
CA LEU B 177 -17.02 4.39 -12.11
C LEU B 177 -16.64 3.00 -11.59
N GLN B 178 -17.61 2.13 -11.36
CA GLN B 178 -17.28 0.81 -10.84
C GLN B 178 -16.29 0.11 -11.76
N ASP B 179 -16.73 -0.23 -12.97
CA ASP B 179 -15.88 -0.90 -13.94
C ASP B 179 -14.48 -0.31 -13.95
N LEU B 180 -14.41 1.01 -13.91
CA LEU B 180 -13.15 1.73 -13.90
C LEU B 180 -12.27 1.36 -12.71
N LEU B 181 -12.83 1.44 -11.51
CA LEU B 181 -12.09 1.10 -10.29
C LEU B 181 -11.70 -0.36 -10.28
N CYS B 182 -12.63 -1.20 -10.70
CA CYS B 182 -12.40 -2.63 -10.75
C CYS B 182 -11.18 -2.95 -11.61
N ARG B 183 -11.13 -2.37 -12.79
CA ARG B 183 -10.01 -2.60 -13.69
C ARG B 183 -8.72 -2.05 -13.08
N PHE B 184 -8.79 -0.85 -12.54
CA PHE B 184 -7.62 -0.22 -11.93
C PHE B 184 -7.01 -1.09 -10.84
N ASN B 185 -7.85 -1.57 -9.92
CA ASN B 185 -7.38 -2.39 -8.81
C ASN B 185 -6.79 -3.74 -9.21
N ARG B 186 -7.34 -4.36 -10.23
CA ARG B 186 -6.81 -5.64 -10.65
C ARG B 186 -5.40 -5.40 -11.18
N VAL B 187 -5.23 -4.30 -11.91
CA VAL B 187 -3.94 -3.95 -12.47
C VAL B 187 -2.99 -3.56 -11.35
N ASP B 188 -3.55 -2.98 -10.29
CA ASP B 188 -2.78 -2.59 -9.13
C ASP B 188 -2.32 -3.90 -8.50
N TYR B 189 -3.27 -4.81 -8.35
CA TYR B 189 -2.99 -6.12 -7.77
C TYR B 189 -1.91 -6.88 -8.56
N THR B 190 -2.08 -6.99 -9.87
CA THR B 190 -1.11 -7.71 -10.69
C THR B 190 0.31 -7.14 -10.54
N THR B 191 0.42 -5.82 -10.51
CA THR B 191 1.72 -5.20 -10.38
C THR B 191 2.39 -5.67 -9.08
N ALA B 192 1.65 -5.63 -7.98
CA ALA B 192 2.20 -6.07 -6.70
C ALA B 192 2.67 -7.52 -6.85
N VAL B 193 1.93 -8.29 -7.63
CA VAL B 193 2.27 -9.69 -7.89
C VAL B 193 3.58 -9.74 -8.66
N GLY B 194 3.73 -8.85 -9.64
CA GLY B 194 4.95 -8.81 -10.41
C GLY B 194 6.11 -8.45 -9.52
N GLN B 195 5.83 -7.59 -8.54
CA GLN B 195 6.85 -7.15 -7.59
C GLN B 195 7.36 -8.33 -6.78
N LEU B 196 6.46 -9.27 -6.52
CA LEU B 196 6.84 -10.45 -5.75
C LEU B 196 7.80 -11.32 -6.57
N TYR B 197 7.49 -11.46 -7.85
CA TYR B 197 8.31 -12.26 -8.75
C TYR B 197 9.71 -11.68 -8.93
N ASP B 198 9.78 -10.36 -8.88
CA ASP B 198 11.04 -9.63 -9.05
C ASP B 198 11.88 -9.62 -7.78
N VAL B 199 11.25 -9.30 -6.66
CA VAL B 199 11.93 -9.21 -5.38
C VAL B 199 12.48 -10.54 -4.86
N THR B 200 11.97 -11.66 -5.36
CA THR B 200 12.42 -12.97 -4.92
C THR B 200 12.99 -13.81 -6.05
N SER B 201 13.34 -13.13 -7.15
CA SER B 201 13.86 -13.80 -8.33
C SER B 201 15.27 -14.36 -8.16
N MET B 202 15.98 -13.90 -7.13
CA MET B 202 17.34 -14.34 -6.88
C MET B 202 17.44 -15.29 -5.69
N PHE B 203 16.33 -15.95 -5.39
CA PHE B 203 16.28 -16.91 -4.29
C PHE B 203 15.76 -18.25 -4.80
N ASP B 204 16.39 -19.33 -4.35
CA ASP B 204 16.01 -20.69 -4.73
C ASP B 204 14.58 -20.88 -4.24
N SER B 205 13.60 -20.63 -5.12
CA SER B 205 12.19 -20.71 -4.75
C SER B 205 11.74 -21.99 -4.06
N ASN B 206 12.53 -23.06 -4.17
CA ASN B 206 12.15 -24.30 -3.53
C ASN B 206 12.43 -24.15 -2.04
N LYS B 207 13.31 -23.20 -1.71
CA LYS B 207 13.67 -22.92 -0.33
C LYS B 207 12.76 -21.85 0.25
N LEU B 208 11.94 -21.23 -0.59
CA LEU B 208 11.03 -20.20 -0.12
C LEU B 208 10.20 -20.71 1.05
N ASP B 209 10.53 -20.22 2.24
CA ASP B 209 9.81 -20.61 3.45
C ASP B 209 10.15 -19.66 4.57
N PRO B 210 9.23 -18.73 4.87
CA PRO B 210 9.39 -17.72 5.91
C PRO B 210 10.23 -18.17 7.10
N ASP B 211 9.94 -19.34 7.64
CA ASP B 211 10.64 -19.87 8.80
C ASP B 211 12.15 -20.02 8.64
N VAL B 212 12.57 -20.65 7.56
CA VAL B 212 13.98 -20.88 7.31
C VAL B 212 14.64 -19.72 6.55
N SER B 213 15.84 -19.33 6.96
CA SER B 213 16.53 -18.25 6.24
C SER B 213 17.26 -18.93 5.08
N GLN B 214 17.69 -18.15 4.09
CA GLN B 214 18.38 -18.72 2.93
C GLN B 214 19.18 -17.63 2.21
N PRO B 215 20.23 -18.02 1.48
CA PRO B 215 21.07 -17.08 0.74
C PRO B 215 20.66 -16.91 -0.72
N THR B 216 21.38 -16.04 -1.42
CA THR B 216 21.13 -15.78 -2.83
C THR B 216 21.46 -17.04 -3.60
N THR B 217 20.71 -17.32 -4.65
CA THR B 217 20.96 -18.50 -5.48
C THR B 217 22.41 -18.50 -5.91
N THR B 218 23.02 -19.68 -5.97
CA THR B 218 24.41 -19.78 -6.40
C THR B 218 24.51 -20.48 -7.75
N ASP B 219 23.50 -21.28 -8.10
CA ASP B 219 23.52 -21.96 -9.41
C ASP B 219 22.79 -21.15 -10.48
N PHE B 220 21.87 -20.29 -10.06
CA PHE B 220 21.12 -19.44 -10.98
C PHE B 220 20.26 -20.18 -11.97
N ALA B 221 19.86 -21.40 -11.62
CA ALA B 221 19.04 -22.22 -12.50
C ALA B 221 17.69 -21.59 -12.84
N GLU B 222 17.29 -20.56 -12.10
CA GLU B 222 15.99 -19.93 -12.33
C GLU B 222 16.01 -18.67 -13.18
N PHE B 223 17.20 -18.13 -13.43
CA PHE B 223 17.34 -16.94 -14.26
C PHE B 223 17.05 -17.28 -15.71
N THR B 224 15.86 -17.80 -15.96
CA THR B 224 15.46 -18.20 -17.31
C THR B 224 14.62 -17.11 -17.97
N LEU B 225 14.57 -17.14 -19.29
CA LEU B 225 13.82 -16.15 -20.04
C LEU B 225 12.32 -16.26 -19.75
N SER B 226 11.86 -17.46 -19.42
CA SER B 226 10.46 -17.67 -19.11
C SER B 226 10.16 -16.93 -17.83
N ASN B 227 11.02 -17.16 -16.84
CA ASN B 227 10.87 -16.51 -15.56
C ASN B 227 11.00 -15.00 -15.70
N TYR B 228 11.88 -14.55 -16.59
CA TYR B 228 12.07 -13.12 -16.80
C TYR B 228 10.79 -12.54 -17.41
N LYS B 229 10.29 -13.21 -18.44
CA LYS B 229 9.08 -12.76 -19.11
C LYS B 229 7.89 -12.66 -18.16
N ARG B 230 7.82 -13.53 -17.16
CA ARG B 230 6.71 -13.48 -16.21
C ARG B 230 6.81 -12.25 -15.30
N ILE B 231 8.00 -12.00 -14.77
CA ILE B 231 8.23 -10.87 -13.89
C ILE B 231 7.79 -9.56 -14.55
N VAL B 232 8.31 -9.35 -15.76
CA VAL B 232 8.05 -8.16 -16.56
C VAL B 232 6.57 -7.98 -16.94
N LYS B 233 5.96 -9.07 -17.39
CA LYS B 233 4.57 -9.06 -17.78
C LYS B 233 3.71 -8.45 -16.66
N TYR B 234 3.83 -9.02 -15.47
CA TYR B 234 3.05 -8.57 -14.32
C TYR B 234 3.48 -7.27 -13.65
N LYS B 235 4.77 -7.11 -13.39
CA LYS B 235 5.23 -5.90 -12.73
C LYS B 235 5.22 -4.65 -13.61
N THR B 236 5.15 -4.81 -14.93
CA THR B 236 5.16 -3.63 -15.77
C THR B 236 4.12 -3.50 -16.89
N ALA B 237 4.14 -4.44 -17.83
CA ALA B 237 3.22 -4.42 -18.97
C ALA B 237 1.82 -3.88 -18.68
N TYR B 238 1.18 -4.41 -17.64
CA TYR B 238 -0.17 -4.01 -17.30
C TYR B 238 -0.41 -2.56 -16.90
N TYR B 239 0.35 -2.08 -15.92
CA TYR B 239 0.14 -0.72 -15.45
C TYR B 239 0.83 0.33 -16.29
N THR B 240 1.76 -0.10 -17.14
CA THR B 240 2.48 0.86 -17.97
C THR B 240 1.94 0.86 -19.40
N TYR B 241 1.33 -0.25 -19.82
CA TYR B 241 0.80 -0.27 -21.17
C TYR B 241 -0.67 -0.58 -21.35
N LEU B 242 -1.18 -1.61 -20.68
CA LEU B 242 -2.58 -1.95 -20.84
C LEU B 242 -3.52 -0.97 -20.14
N LEU B 243 -3.22 -0.62 -18.90
CA LEU B 243 -4.05 0.29 -18.14
C LEU B 243 -4.28 1.64 -18.84
N PRO B 244 -3.19 2.34 -19.21
CA PRO B 244 -3.32 3.64 -19.88
C PRO B 244 -4.24 3.61 -21.10
N LEU B 245 -4.13 2.55 -21.90
CA LEU B 245 -4.95 2.41 -23.10
C LEU B 245 -6.40 2.14 -22.74
N VAL B 246 -6.62 1.31 -21.73
CA VAL B 246 -7.95 0.96 -21.30
C VAL B 246 -8.66 2.14 -20.64
N MET B 247 -7.98 2.84 -19.74
CA MET B 247 -8.61 3.99 -19.09
C MET B 247 -9.08 4.99 -20.13
N GLY B 248 -8.27 5.18 -21.16
CA GLY B 248 -8.60 6.11 -22.22
C GLY B 248 -9.84 5.66 -22.97
N LEU B 249 -9.93 4.36 -23.23
CA LEU B 249 -11.08 3.82 -23.93
C LEU B 249 -12.34 3.94 -23.07
N ILE B 250 -12.17 3.78 -21.76
CA ILE B 250 -13.28 3.87 -20.84
C ILE B 250 -13.88 5.28 -20.79
N VAL B 251 -13.03 6.28 -20.53
CA VAL B 251 -13.52 7.65 -20.47
C VAL B 251 -14.01 8.12 -21.84
N SER B 252 -13.61 7.41 -22.89
CA SER B 252 -14.04 7.73 -24.23
C SER B 252 -15.34 6.97 -24.46
N GLU B 253 -15.55 5.95 -23.63
CA GLU B 253 -16.73 5.11 -23.72
C GLU B 253 -16.67 4.32 -25.03
N ALA B 254 -15.47 3.92 -25.40
CA ALA B 254 -15.23 3.17 -26.62
C ALA B 254 -14.64 1.78 -26.33
N LEU B 255 -14.58 1.43 -25.04
CA LEU B 255 -14.02 0.16 -24.62
C LEU B 255 -14.41 -1.03 -25.51
N PRO B 256 -15.71 -1.21 -25.78
CA PRO B 256 -16.11 -2.34 -26.62
C PRO B 256 -15.77 -2.23 -28.11
N THR B 257 -15.33 -1.06 -28.55
CA THR B 257 -15.02 -0.84 -29.95
C THR B 257 -13.70 -1.41 -30.48
N VAL B 258 -12.83 -1.83 -29.58
CA VAL B 258 -11.54 -2.36 -30.01
C VAL B 258 -11.31 -3.85 -29.71
N ASP B 259 -10.47 -4.49 -30.51
CA ASP B 259 -10.17 -5.90 -30.31
C ASP B 259 -9.31 -5.99 -29.06
N MET B 260 -9.92 -6.33 -27.94
CA MET B 260 -9.17 -6.40 -26.69
C MET B 260 -8.04 -7.41 -26.79
N GLY B 261 -8.27 -8.51 -27.52
CA GLY B 261 -7.26 -9.52 -27.67
C GLY B 261 -5.97 -8.95 -28.24
N VAL B 262 -6.09 -8.28 -29.38
CA VAL B 262 -4.93 -7.68 -30.03
C VAL B 262 -4.33 -6.62 -29.13
N THR B 263 -5.20 -5.80 -28.54
CA THR B 263 -4.76 -4.74 -27.64
C THR B 263 -3.87 -5.26 -26.53
N GLU B 264 -4.18 -6.45 -26.03
CA GLU B 264 -3.40 -7.06 -24.97
C GLU B 264 -2.06 -7.57 -25.47
N GLU B 265 -2.06 -8.17 -26.66
CA GLU B 265 -0.80 -8.66 -27.22
C GLU B 265 0.13 -7.47 -27.33
N LEU B 266 -0.37 -6.37 -27.87
CA LEU B 266 0.43 -5.16 -28.02
C LEU B 266 1.03 -4.70 -26.70
N ALA B 267 0.16 -4.53 -25.70
CA ALA B 267 0.57 -4.08 -24.38
C ALA B 267 1.64 -5.01 -23.78
N MET B 268 1.39 -6.31 -23.86
CA MET B 268 2.31 -7.30 -23.31
C MET B 268 3.65 -7.24 -24.02
N LEU B 269 3.59 -7.09 -25.34
CA LEU B 269 4.80 -7.02 -26.14
C LEU B 269 5.54 -5.71 -25.90
N MET B 270 4.82 -4.59 -25.97
CA MET B 270 5.45 -3.31 -25.74
C MET B 270 5.95 -3.22 -24.30
N GLY B 271 5.19 -3.80 -23.38
CA GLY B 271 5.55 -3.77 -21.97
C GLY B 271 6.85 -4.48 -21.66
N GLU B 272 7.01 -5.70 -22.18
CA GLU B 272 8.22 -6.48 -21.98
C GLU B 272 9.43 -5.73 -22.52
N TYR B 273 9.27 -5.18 -23.72
CA TYR B 273 10.31 -4.41 -24.39
C TYR B 273 10.74 -3.21 -23.56
N PHE B 274 9.77 -2.49 -23.01
CA PHE B 274 10.02 -1.31 -22.19
C PHE B 274 10.87 -1.66 -20.98
N GLN B 275 10.60 -2.83 -20.40
CA GLN B 275 11.32 -3.27 -19.22
C GLN B 275 12.73 -3.69 -19.59
N VAL B 276 12.85 -4.45 -20.68
CA VAL B 276 14.16 -4.90 -21.16
C VAL B 276 15.00 -3.63 -21.34
N GLN B 277 14.38 -2.60 -21.89
CA GLN B 277 15.06 -1.32 -22.09
C GLN B 277 15.49 -0.77 -20.73
N ASP B 278 14.60 -0.86 -19.75
CA ASP B 278 14.88 -0.40 -18.40
C ASP B 278 16.10 -1.12 -17.81
N ASP B 279 16.18 -2.42 -18.04
CA ASP B 279 17.28 -3.22 -17.52
C ASP B 279 18.60 -2.88 -18.19
N VAL B 280 18.56 -2.66 -19.51
CA VAL B 280 19.78 -2.33 -20.23
C VAL B 280 20.31 -0.98 -19.78
N MET B 281 19.42 -0.02 -19.57
CA MET B 281 19.83 1.31 -19.13
C MET B 281 20.39 1.23 -17.72
N ASP B 282 19.78 0.38 -16.89
CA ASP B 282 20.19 0.21 -15.50
C ASP B 282 21.69 -0.04 -15.41
N CYS B 283 22.19 -0.77 -16.40
CA CYS B 283 23.59 -1.14 -16.46
C CYS B 283 24.49 -0.28 -17.34
N PHE B 284 23.98 0.21 -18.47
CA PHE B 284 24.81 0.99 -19.37
C PHE B 284 24.50 2.47 -19.59
N THR B 285 23.34 2.94 -19.14
CA THR B 285 23.01 4.34 -19.31
C THR B 285 23.55 5.16 -18.14
N PRO B 286 24.18 6.31 -18.42
CA PRO B 286 24.72 7.16 -17.35
C PRO B 286 23.61 7.75 -16.49
N PRO B 287 23.79 7.72 -15.15
CA PRO B 287 22.79 8.27 -14.23
C PRO B 287 22.38 9.66 -14.67
N GLU B 288 23.35 10.43 -15.14
CA GLU B 288 23.13 11.80 -15.60
C GLU B 288 21.90 11.88 -16.49
N ARG B 289 21.80 10.96 -17.43
CA ARG B 289 20.67 10.94 -18.34
C ARG B 289 19.50 10.19 -17.75
N LEU B 290 19.72 8.92 -17.45
CA LEU B 290 18.69 8.05 -16.90
C LEU B 290 17.92 8.75 -15.77
N GLY B 291 18.63 9.48 -14.93
CA GLY B 291 17.98 10.17 -13.82
C GLY B 291 18.02 9.35 -12.54
N LYS B 292 18.47 8.10 -12.65
CA LYS B 292 18.57 7.20 -11.50
C LYS B 292 19.83 6.34 -11.61
N VAL B 293 20.35 5.87 -10.47
CA VAL B 293 21.54 5.04 -10.46
C VAL B 293 21.14 3.56 -10.44
N GLY B 294 21.78 2.77 -11.30
CA GLY B 294 21.48 1.34 -11.39
C GLY B 294 21.83 0.52 -10.16
N THR B 295 21.07 -0.55 -9.93
CA THR B 295 21.31 -1.41 -8.77
C THR B 295 21.02 -2.88 -9.05
N ASP B 296 20.75 -3.22 -10.31
CA ASP B 296 20.44 -4.60 -10.63
C ASP B 296 21.55 -5.62 -10.36
N ILE B 297 22.76 -5.33 -10.85
CA ILE B 297 23.88 -6.25 -10.64
C ILE B 297 24.14 -6.51 -9.16
N GLN B 298 24.24 -5.44 -8.38
CA GLN B 298 24.47 -5.57 -6.94
C GLN B 298 23.27 -6.20 -6.22
N ASP B 299 22.08 -6.07 -6.80
CA ASP B 299 20.86 -6.62 -6.22
C ASP B 299 20.56 -8.05 -6.69
N ALA B 300 21.46 -8.60 -7.50
CA ALA B 300 21.30 -9.94 -8.02
C ALA B 300 19.97 -10.13 -8.73
N LYS B 301 19.48 -9.06 -9.35
CA LYS B 301 18.20 -9.08 -10.07
C LYS B 301 18.21 -9.97 -11.31
N CYS B 302 17.08 -10.63 -11.55
CA CYS B 302 16.94 -11.50 -12.72
C CYS B 302 16.57 -10.59 -13.90
N SER B 303 17.54 -9.81 -14.38
CA SER B 303 17.33 -8.87 -15.48
C SER B 303 17.42 -9.53 -16.85
N TRP B 304 17.09 -8.78 -17.90
CA TRP B 304 17.15 -9.29 -19.26
C TRP B 304 18.60 -9.61 -19.64
N LEU B 305 19.53 -8.81 -19.11
CA LEU B 305 20.95 -8.99 -19.39
C LEU B 305 21.48 -10.26 -18.74
N ALA B 306 21.11 -10.46 -17.48
CA ALA B 306 21.55 -11.64 -16.73
C ALA B 306 21.06 -12.92 -17.39
N VAL B 307 19.78 -12.96 -17.74
CA VAL B 307 19.19 -14.14 -18.37
C VAL B 307 19.72 -14.39 -19.79
N THR B 308 19.92 -13.33 -20.55
CA THR B 308 20.44 -13.47 -21.92
C THR B 308 21.89 -13.95 -21.87
N PHE B 309 22.70 -13.29 -21.05
CA PHE B 309 24.10 -13.67 -20.91
C PHE B 309 24.22 -15.12 -20.45
N LEU B 310 23.49 -15.46 -19.40
CA LEU B 310 23.53 -16.81 -18.88
C LEU B 310 23.14 -17.85 -19.92
N ALA B 311 22.19 -17.49 -20.79
CA ALA B 311 21.72 -18.41 -21.82
C ALA B 311 22.78 -18.68 -22.90
N LYS B 312 23.67 -17.72 -23.11
CA LYS B 312 24.71 -17.85 -24.13
C LYS B 312 26.14 -17.91 -23.58
N ALA B 313 26.29 -17.77 -22.26
CA ALA B 313 27.61 -17.78 -21.64
C ALA B 313 28.22 -19.18 -21.55
N SER B 314 29.53 -19.26 -21.78
CA SER B 314 30.24 -20.52 -21.68
C SER B 314 30.53 -20.72 -20.21
N SER B 315 30.87 -21.95 -19.83
CA SER B 315 31.18 -22.26 -18.44
C SER B 315 32.16 -21.25 -17.83
N ALA B 316 33.23 -20.95 -18.56
CA ALA B 316 34.23 -20.01 -18.10
C ALA B 316 33.59 -18.68 -17.72
N GLN B 317 32.69 -18.20 -18.58
CA GLN B 317 32.02 -16.93 -18.34
C GLN B 317 31.01 -17.02 -17.19
N VAL B 318 30.22 -18.08 -17.19
CA VAL B 318 29.22 -18.25 -16.13
C VAL B 318 29.87 -18.26 -14.75
N ALA B 319 31.00 -18.94 -14.62
CA ALA B 319 31.70 -19.03 -13.33
C ALA B 319 32.21 -17.68 -12.86
N GLU B 320 32.79 -16.90 -13.77
CA GLU B 320 33.28 -15.58 -13.40
C GLU B 320 32.10 -14.70 -13.00
N PHE B 321 30.93 -15.00 -13.58
CA PHE B 321 29.71 -14.27 -13.29
C PHE B 321 29.35 -14.48 -11.81
N LYS B 322 29.06 -15.73 -11.47
CA LYS B 322 28.69 -16.11 -10.11
C LYS B 322 29.64 -15.52 -9.06
N ALA B 323 30.87 -15.25 -9.46
CA ALA B 323 31.87 -14.72 -8.54
C ALA B 323 31.88 -13.19 -8.44
N ASN B 324 31.12 -12.52 -9.31
CA ASN B 324 31.10 -11.06 -9.27
C ASN B 324 29.68 -10.48 -9.24
N TYR B 325 28.67 -11.34 -9.31
CA TYR B 325 27.28 -10.91 -9.31
C TYR B 325 26.63 -10.97 -7.92
N GLY B 326 26.01 -9.86 -7.51
CA GLY B 326 25.35 -9.82 -6.22
C GLY B 326 26.15 -9.16 -5.11
N SER B 327 26.99 -8.20 -5.47
CA SER B 327 27.80 -7.50 -4.47
C SER B 327 27.93 -6.03 -4.82
N GLY B 328 28.07 -5.20 -3.78
CA GLY B 328 28.20 -3.77 -3.98
C GLY B 328 29.61 -3.39 -4.35
N ASP B 329 30.51 -4.37 -4.29
CA ASP B 329 31.90 -4.15 -4.63
C ASP B 329 31.98 -3.54 -6.03
N SER B 330 32.48 -2.32 -6.11
CA SER B 330 32.60 -1.62 -7.38
C SER B 330 33.35 -2.42 -8.44
N GLU B 331 34.44 -3.06 -8.03
CA GLU B 331 35.25 -3.84 -8.96
C GLU B 331 34.47 -5.03 -9.51
N LYS B 332 33.80 -5.78 -8.63
CA LYS B 332 33.02 -6.93 -9.09
C LYS B 332 31.96 -6.48 -10.09
N VAL B 333 31.26 -5.39 -9.78
CA VAL B 333 30.21 -4.86 -10.64
C VAL B 333 30.73 -4.47 -12.02
N ALA B 334 31.96 -3.95 -12.07
CA ALA B 334 32.56 -3.54 -13.34
C ALA B 334 32.88 -4.78 -14.18
N THR B 335 33.07 -5.91 -13.52
CA THR B 335 33.38 -7.14 -14.22
C THR B 335 32.12 -7.62 -14.97
N VAL B 336 31.00 -7.70 -14.25
CA VAL B 336 29.75 -8.13 -14.87
C VAL B 336 29.45 -7.27 -16.10
N ARG B 337 29.71 -5.98 -15.97
CA ARG B 337 29.48 -5.05 -17.08
C ARG B 337 30.30 -5.50 -18.28
N ARG B 338 31.56 -5.85 -18.04
CA ARG B 338 32.46 -6.29 -19.10
C ARG B 338 32.02 -7.61 -19.69
N LEU B 339 31.67 -8.55 -18.82
CA LEU B 339 31.23 -9.87 -19.27
C LEU B 339 30.07 -9.72 -20.26
N TYR B 340 29.13 -8.83 -19.96
CA TYR B 340 28.01 -8.60 -20.87
C TYR B 340 28.52 -8.12 -22.22
N GLU B 341 29.51 -7.22 -22.20
CA GLU B 341 30.08 -6.69 -23.44
C GLU B 341 30.67 -7.85 -24.24
N GLU B 342 31.46 -8.67 -23.56
CA GLU B 342 32.12 -9.83 -24.16
C GLU B 342 31.15 -10.76 -24.87
N ALA B 343 29.97 -10.96 -24.30
CA ALA B 343 28.97 -11.84 -24.89
C ALA B 343 28.23 -11.17 -26.04
N ASP B 344 28.61 -9.94 -26.37
CA ASP B 344 27.98 -9.19 -27.45
C ASP B 344 26.46 -9.13 -27.23
N LEU B 345 26.06 -8.65 -26.05
CA LEU B 345 24.65 -8.55 -25.74
C LEU B 345 23.96 -7.52 -26.60
N GLN B 346 24.65 -6.41 -26.88
CA GLN B 346 24.07 -5.37 -27.70
C GLN B 346 23.59 -6.03 -29.00
N GLY B 347 24.34 -7.04 -29.44
CA GLY B 347 23.95 -7.78 -30.63
C GLY B 347 22.65 -8.51 -30.37
N ASP B 348 22.52 -9.11 -29.19
CA ASP B 348 21.30 -9.83 -28.81
C ASP B 348 20.14 -8.83 -28.73
N TYR B 349 20.45 -7.65 -28.22
CA TYR B 349 19.46 -6.58 -28.07
C TYR B 349 18.89 -6.11 -29.40
N VAL B 350 19.77 -5.68 -30.29
CA VAL B 350 19.36 -5.20 -31.61
C VAL B 350 18.41 -6.20 -32.25
N ALA B 351 18.71 -7.48 -32.11
CA ALA B 351 17.87 -8.52 -32.70
C ALA B 351 16.48 -8.50 -32.07
N TYR B 352 16.44 -8.59 -30.74
CA TYR B 352 15.20 -8.58 -29.99
C TYR B 352 14.39 -7.34 -30.38
N GLU B 353 15.03 -6.18 -30.32
CA GLU B 353 14.38 -4.93 -30.67
C GLU B 353 13.74 -5.04 -32.05
N ALA B 354 14.47 -5.63 -32.99
CA ALA B 354 13.99 -5.80 -34.35
C ALA B 354 12.77 -6.71 -34.45
N ALA B 355 12.83 -7.86 -33.78
CA ALA B 355 11.73 -8.82 -33.80
C ALA B 355 10.49 -8.19 -33.18
N VAL B 356 10.70 -7.42 -32.11
CA VAL B 356 9.59 -6.75 -31.44
C VAL B 356 9.03 -5.65 -32.33
N ALA B 357 9.91 -4.81 -32.87
CA ALA B 357 9.48 -3.72 -33.74
C ALA B 357 8.66 -4.32 -34.87
N GLU B 358 8.95 -5.58 -35.17
CA GLU B 358 8.26 -6.31 -36.23
C GLU B 358 6.79 -6.50 -35.86
N GLN B 359 6.55 -7.40 -34.90
CA GLN B 359 5.19 -7.71 -34.46
C GLN B 359 4.38 -6.50 -34.05
N VAL B 360 5.01 -5.55 -33.39
CA VAL B 360 4.30 -4.36 -32.97
C VAL B 360 3.69 -3.73 -34.21
N LYS B 361 4.47 -3.70 -35.29
CA LYS B 361 4.03 -3.11 -36.55
C LYS B 361 2.79 -3.87 -37.06
N GLU B 362 2.91 -5.18 -37.14
CA GLU B 362 1.81 -6.00 -37.61
C GLU B 362 0.54 -5.79 -36.78
N LEU B 363 0.62 -6.11 -35.50
CA LEU B 363 -0.52 -5.96 -34.60
C LEU B 363 -1.23 -4.61 -34.72
N ILE B 364 -0.47 -3.52 -34.83
CA ILE B 364 -1.08 -2.21 -34.95
C ILE B 364 -1.97 -2.16 -36.19
N GLU B 365 -1.53 -2.82 -37.25
CA GLU B 365 -2.30 -2.85 -38.48
C GLU B 365 -3.57 -3.67 -38.33
N LYS B 366 -3.53 -4.71 -37.50
CA LYS B 366 -4.72 -5.52 -37.28
C LYS B 366 -5.74 -4.61 -36.63
N LEU B 367 -5.28 -3.78 -35.69
CA LEU B 367 -6.16 -2.84 -35.01
C LEU B 367 -6.74 -1.87 -36.02
N ARG B 368 -5.84 -1.12 -36.65
CA ARG B 368 -6.21 -0.12 -37.63
C ARG B 368 -7.46 -0.54 -38.41
N LEU B 369 -7.52 -1.81 -38.79
CA LEU B 369 -8.66 -2.32 -39.53
C LEU B 369 -9.99 -1.92 -38.89
N CYS B 370 -10.24 -2.40 -37.67
CA CYS B 370 -11.48 -2.09 -36.98
C CYS B 370 -11.41 -0.82 -36.12
N SER B 371 -10.19 -0.39 -35.77
CA SER B 371 -10.01 0.80 -34.93
C SER B 371 -8.89 1.72 -35.38
N PRO B 372 -9.13 2.55 -36.41
CA PRO B 372 -8.10 3.46 -36.92
C PRO B 372 -7.66 4.56 -35.94
N GLY B 373 -8.61 5.15 -35.22
CA GLY B 373 -8.28 6.21 -34.28
C GLY B 373 -7.49 5.70 -33.09
N PHE B 374 -7.81 4.48 -32.65
CA PHE B 374 -7.14 3.88 -31.52
C PHE B 374 -5.77 3.34 -31.94
N ALA B 375 -5.73 2.70 -33.10
CA ALA B 375 -4.47 2.16 -33.63
C ALA B 375 -3.47 3.31 -33.75
N ALA B 376 -3.96 4.47 -34.14
CA ALA B 376 -3.12 5.66 -34.30
C ALA B 376 -2.53 6.07 -32.95
N SER B 377 -3.41 6.16 -31.95
CA SER B 377 -2.96 6.55 -30.61
C SER B 377 -1.94 5.52 -30.12
N VAL B 378 -2.16 4.25 -30.44
CA VAL B 378 -1.24 3.20 -30.03
C VAL B 378 0.13 3.47 -30.66
N GLU B 379 0.12 3.79 -31.95
CA GLU B 379 1.38 4.10 -32.65
C GLU B 379 2.12 5.22 -31.95
N THR B 380 1.38 6.22 -31.48
CA THR B 380 2.00 7.34 -30.80
C THR B 380 2.76 6.82 -29.59
N LEU B 381 2.08 5.98 -28.80
CA LEU B 381 2.66 5.39 -27.59
C LEU B 381 3.89 4.56 -27.94
N TRP B 382 3.81 3.81 -29.03
CA TRP B 382 4.93 3.00 -29.47
C TRP B 382 6.06 3.93 -29.89
N GLY B 383 5.70 5.13 -30.33
CA GLY B 383 6.69 6.10 -30.74
C GLY B 383 7.46 6.57 -29.53
N LYS B 384 6.75 6.72 -28.42
CA LYS B 384 7.37 7.16 -27.17
C LYS B 384 8.25 6.07 -26.56
N THR B 385 8.06 4.83 -27.02
CA THR B 385 8.81 3.70 -26.50
C THR B 385 10.01 3.30 -27.36
N TYR B 386 9.75 2.94 -28.61
CA TYR B 386 10.80 2.52 -29.54
C TYR B 386 12.06 3.36 -29.45
N LYS B 387 13.20 2.71 -29.21
CA LYS B 387 14.47 3.39 -29.10
C LYS B 387 14.46 4.60 -28.17
N ARG B 388 13.80 4.45 -27.02
CA ARG B 388 13.74 5.52 -26.03
C ARG B 388 15.15 5.84 -25.54
N GLN B 389 15.38 7.09 -25.13
CA GLN B 389 16.67 7.53 -24.62
C GLN B 389 16.70 7.41 -23.10
N LYS B 390 15.52 7.35 -22.49
CA LYS B 390 15.42 7.24 -21.04
C LYS B 390 14.00 6.92 -20.61
MG MG C . 3.85 -0.86 16.03
MG MG D . 1.64 -0.12 20.36
MG MG E . 2.41 2.73 14.91
C ACT F . 17.75 17.70 -3.21
O ACT F . 18.91 17.43 -3.81
OXT ACT F . 17.60 17.46 -1.81
CH3 ACT F . 16.61 18.26 -4.01
C1 NI9 G . 0.18 -0.21 17.06
O1 NI9 G . 1.24 -2.73 16.68
O2 NI9 G . -0.99 -0.08 17.88
C2 NI9 G . -0.27 -0.71 15.64
O3 NI9 G . 2.59 -1.14 18.09
C3 NI9 G . -0.83 0.30 13.49
P1 NI9 G . 1.23 1.30 17.07
P2 NI9 G . 1.17 -1.64 17.78
O4 NI9 G . 0.37 2.43 16.46
O5 NI9 G . 0.50 -2.18 18.96
O6 NI9 G . 1.59 1.63 18.49
O7 NI9 G . 2.44 1.07 16.19
N NI9 G . -1.11 0.25 14.82
F NI9 G . -1.36 1.23 11.39
C4 NI9 G . -2.63 1.91 13.27
C5 NI9 G . -2.13 1.00 15.42
C6 NI9 G . -2.89 1.85 14.63
C7 NI9 G . -1.60 1.15 12.70
P11 IPR H . -4.78 -8.09 16.98
O14 IPR H . -5.32 -8.34 15.65
O12 IPR H . -5.60 -8.45 18.24
O13 IPR H . -3.33 -8.56 16.89
O10 IPR H . -4.68 -6.50 17.03
P7 IPR H . -5.24 -5.43 18.08
O8 IPR H . -6.70 -5.51 18.13
O9 IPR H . -4.52 -5.49 19.42
O6 IPR H . -4.75 -4.12 17.36
C5 IPR H . -3.41 -3.73 17.55
C4 IPR H . -3.36 -2.45 16.75
C2 IPR H . -4.16 -1.31 17.46
C1 IPR H . -5.14 -0.77 16.50
C3 IPR H . -3.99 -0.89 18.75
C1 MPD I . -13.38 8.86 7.45
C2 MPD I . -14.66 9.60 7.04
O2 MPD I . -14.53 10.09 5.70
CM MPD I . -15.82 8.61 7.11
C3 MPD I . -14.93 10.77 8.02
C4 MPD I . -13.83 11.85 8.05
O4 MPD I . -13.69 12.46 6.75
C5 MPD I . -14.20 12.93 9.07
MG MG J . 14.09 -0.20 -8.78
MG MG K . 15.05 -0.74 -13.22
MG MG L . 12.52 -3.71 -8.54
C1 NI9 M . 12.09 -0.28 -11.88
O1 NI9 M . 12.77 2.01 -10.52
O2 NI9 M . 11.86 -0.22 -13.28
C2 NI9 M . 10.80 0.22 -11.13
O3 NI9 M . 14.56 0.27 -10.78
C3 NI9 M . 8.78 -0.67 -10.13
P1 NI9 M . 12.74 -1.94 -11.33
P2 NI9 M . 13.40 0.98 -11.49
O4 NI9 M . 11.65 -2.99 -11.65
O5 NI9 M . 13.83 1.68 -12.72
O6 NI9 M . 13.99 -2.25 -12.12
O7 NI9 M . 12.96 -1.92 -9.83
N NI9 M . 9.57 -0.63 -11.25
F NI9 M . 6.83 -1.50 -9.11
C4 NI9 M . 7.29 -2.15 -11.33
C5 NI9 M . 9.27 -1.32 -12.42
C6 NI9 M . 8.10 -2.09 -12.46
C7 NI9 M . 7.63 -1.45 -10.19
C1 BME N . -13.58 -7.84 -14.33
C2 BME N . -13.57 -6.31 -14.44
O1 BME N . -14.68 -8.39 -15.08
S2 BME N . -12.18 -5.66 -13.47
P11 IPR O . 9.01 7.81 -15.10
O14 IPR O . 7.74 8.05 -14.42
O12 IPR O . 9.21 8.23 -16.57
O13 IPR O . 10.07 8.20 -14.07
O10 IPR O . 9.05 6.23 -15.14
P7 IPR O . 9.27 5.18 -16.36
O8 IPR O . 8.17 5.31 -17.31
O9 IPR O . 10.67 5.23 -16.92
O6 IPR O . 9.13 3.85 -15.53
C5 IPR O . 10.21 3.45 -14.73
C4 IPR O . 9.65 2.14 -14.14
C2 IPR O . 9.47 1.05 -15.24
C1 IPR O . 8.05 0.65 -15.27
C3 IPR O . 10.46 0.55 -16.03
#